data_2VXD
#
_entry.id   2VXD
#
_cell.length_a   1.000
_cell.length_b   1.000
_cell.length_c   1.000
_cell.angle_alpha   90.00
_cell.angle_beta   90.00
_cell.angle_gamma   90.00
#
_symmetry.space_group_name_H-M   'P 1'
#
_entity_poly.entity_id   1
_entity_poly.type   'polypeptide(L)'
_entity_poly.pdbx_seq_one_letter_code
;GGSVEDIKAKMQASIEKGGSLPKVEAKFINYVKNCFRMTDQEAIQDLWQWRKSL
;
_entity_poly.pdbx_strand_id   A
#
# COMPACT_ATOMS: atom_id res chain seq x y z
N GLY A 1 9.55 -0.83 -14.33
CA GLY A 1 9.78 -1.94 -13.35
C GLY A 1 8.49 -2.47 -12.76
N GLY A 2 8.07 -1.90 -11.63
CA GLY A 2 6.85 -2.32 -10.98
C GLY A 2 5.85 -1.19 -10.83
N SER A 3 6.34 -0.03 -10.41
CA SER A 3 5.48 1.14 -10.23
C SER A 3 4.47 0.91 -9.11
N VAL A 4 3.51 1.82 -8.99
CA VAL A 4 2.49 1.72 -7.96
C VAL A 4 1.59 0.52 -8.20
N GLU A 5 1.31 0.26 -9.47
CA GLU A 5 0.45 -0.86 -9.87
C GLU A 5 1.01 -2.18 -9.35
N ASP A 6 2.33 -2.36 -9.46
CA ASP A 6 2.97 -3.58 -8.99
C ASP A 6 2.82 -3.73 -7.48
N ILE A 7 2.92 -2.61 -6.77
CA ILE A 7 2.79 -2.61 -5.33
C ILE A 7 1.37 -3.00 -4.90
N LYS A 8 0.38 -2.46 -5.60
CA LYS A 8 -1.01 -2.75 -5.30
C LYS A 8 -1.31 -4.23 -5.58
N ALA A 9 -0.81 -4.73 -6.69
CA ALA A 9 -1.02 -6.12 -7.07
C ALA A 9 -0.36 -7.06 -6.07
N LYS A 10 0.84 -6.70 -5.62
CA LYS A 10 1.57 -7.52 -4.66
C LYS A 10 0.83 -7.58 -3.33
N MET A 11 0.38 -6.42 -2.85
CA MET A 11 -0.35 -6.35 -1.59
C MET A 11 -1.65 -7.15 -1.69
N GLN A 12 -2.32 -7.03 -2.83
CA GLN A 12 -3.56 -7.75 -3.05
C GLN A 12 -3.30 -9.25 -3.09
N ALA A 13 -2.18 -9.64 -3.70
CA ALA A 13 -1.80 -11.04 -3.78
C ALA A 13 -1.61 -11.63 -2.38
N SER A 14 -0.88 -10.91 -1.55
CA SER A 14 -0.64 -11.36 -0.18
C SER A 14 -1.93 -11.40 0.61
N ILE A 15 -2.81 -10.43 0.35
CA ILE A 15 -4.09 -10.35 1.02
C ILE A 15 -4.98 -11.53 0.62
N GLU A 16 -4.99 -11.85 -0.67
CA GLU A 16 -5.79 -12.95 -1.19
C GLU A 16 -5.24 -14.29 -0.72
N LYS A 17 -3.91 -14.36 -0.58
CA LYS A 17 -3.26 -15.58 -0.15
C LYS A 17 -3.09 -15.63 1.37
N GLY A 18 -3.80 -14.74 2.07
CA GLY A 18 -3.71 -14.69 3.51
C GLY A 18 -2.92 -13.49 4.01
N GLY A 19 -3.55 -12.31 3.94
CA GLY A 19 -2.89 -11.11 4.39
C GLY A 19 -3.86 -10.06 4.89
N SER A 20 -3.35 -8.87 5.19
CA SER A 20 -4.19 -7.78 5.68
C SER A 20 -3.44 -6.46 5.63
N LEU A 21 -4.17 -5.37 5.42
CA LEU A 21 -3.57 -4.04 5.34
C LEU A 21 -4.01 -3.18 6.52
N PRO A 22 -3.06 -2.48 7.18
CA PRO A 22 -3.36 -1.62 8.32
C PRO A 22 -4.43 -0.60 8.00
N LYS A 23 -5.42 -0.48 8.90
CA LYS A 23 -6.51 0.48 8.71
C LYS A 23 -6.09 1.89 9.12
N VAL A 24 -4.93 2.00 9.76
CA VAL A 24 -4.42 3.30 10.18
C VAL A 24 -3.63 3.96 9.06
N GLU A 25 -3.94 5.23 8.79
CA GLU A 25 -3.26 5.97 7.74
C GLU A 25 -1.76 6.02 7.99
N ALA A 26 -1.36 6.32 9.21
CA ALA A 26 0.06 6.41 9.55
C ALA A 26 0.73 5.04 9.51
N LYS A 27 0.02 4.02 9.95
CA LYS A 27 0.56 2.65 9.93
C LYS A 27 0.63 2.15 8.50
N PHE A 28 -0.34 2.58 7.70
CA PHE A 28 -0.39 2.19 6.30
C PHE A 28 0.75 2.86 5.55
N ILE A 29 0.91 4.16 5.78
CA ILE A 29 1.97 4.92 5.14
C ILE A 29 3.33 4.34 5.51
N ASN A 30 3.48 3.94 6.77
CA ASN A 30 4.74 3.36 7.24
C ASN A 30 5.00 2.01 6.59
N TYR A 31 3.96 1.19 6.46
CA TYR A 31 4.10 -0.14 5.87
C TYR A 31 4.41 -0.04 4.37
N VAL A 32 3.59 0.71 3.64
CA VAL A 32 3.77 0.87 2.20
C VAL A 32 5.06 1.63 1.88
N LYS A 33 5.29 2.72 2.59
CA LYS A 33 6.47 3.54 2.38
C LYS A 33 7.75 2.80 2.75
N ASN A 34 7.71 2.06 3.85
CA ASN A 34 8.88 1.32 4.31
C ASN A 34 9.07 0.02 3.52
N CYS A 35 7.98 -0.61 3.12
CA CYS A 35 8.05 -1.87 2.38
C CYS A 35 8.35 -1.64 0.90
N PHE A 36 7.70 -0.66 0.29
CA PHE A 36 7.89 -0.38 -1.13
C PHE A 36 8.59 0.95 -1.37
N ARG A 37 9.16 1.54 -0.33
CA ARG A 37 9.84 2.82 -0.46
C ARG A 37 8.91 3.90 -1.01
N MET A 38 7.60 3.67 -0.86
CA MET A 38 6.61 4.63 -1.34
C MET A 38 6.62 5.90 -0.50
N THR A 39 7.66 6.70 -0.69
CA THR A 39 7.80 7.96 0.05
C THR A 39 7.21 9.14 -0.72
N ASP A 40 6.56 8.85 -1.84
CA ASP A 40 5.95 9.91 -2.65
C ASP A 40 4.54 10.22 -2.15
N GLN A 41 4.28 11.50 -1.88
CA GLN A 41 2.98 11.93 -1.39
C GLN A 41 1.87 11.49 -2.33
N GLU A 42 2.16 11.47 -3.63
CA GLU A 42 1.18 11.06 -4.63
C GLU A 42 0.88 9.57 -4.50
N ALA A 43 1.94 8.78 -4.38
CA ALA A 43 1.79 7.33 -4.25
C ALA A 43 1.12 6.99 -2.93
N ILE A 44 1.49 7.73 -1.89
CA ILE A 44 0.92 7.53 -0.57
C ILE A 44 -0.57 7.86 -0.57
N GLN A 45 -0.92 8.96 -1.23
CA GLN A 45 -2.31 9.38 -1.32
C GLN A 45 -3.14 8.34 -2.07
N ASP A 46 -2.60 7.85 -3.18
CA ASP A 46 -3.27 6.85 -3.99
C ASP A 46 -3.36 5.53 -3.23
N LEU A 47 -2.26 5.14 -2.60
CA LEU A 47 -2.21 3.89 -1.84
C LEU A 47 -3.16 3.96 -0.65
N TRP A 48 -3.24 5.14 -0.03
CA TRP A 48 -4.12 5.33 1.11
C TRP A 48 -5.57 5.33 0.63
N GLN A 49 -5.82 6.01 -0.48
CA GLN A 49 -7.16 6.06 -1.06
C GLN A 49 -7.62 4.65 -1.40
N TRP A 50 -6.66 3.82 -1.82
CA TRP A 50 -6.95 2.43 -2.16
C TRP A 50 -7.31 1.66 -0.89
N ARG A 51 -6.55 1.88 0.17
CA ARG A 51 -6.81 1.20 1.45
C ARG A 51 -8.19 1.58 1.98
N LYS A 52 -8.59 2.83 1.75
CA LYS A 52 -9.88 3.32 2.21
C LYS A 52 -11.01 2.67 1.42
N SER A 53 -10.72 2.33 0.16
CA SER A 53 -11.71 1.70 -0.71
C SER A 53 -11.52 0.19 -0.70
N LEU A 54 -10.40 -0.27 -0.14
CA LEU A 54 -10.12 -1.70 -0.07
C LEU A 54 -10.98 -2.38 0.99
N GLY A 1 12.31 3.35 -11.50
CA GLY A 1 11.07 2.55 -11.70
C GLY A 1 10.16 2.59 -10.48
N GLY A 2 9.65 1.43 -10.08
CA GLY A 2 8.77 1.36 -8.93
C GLY A 2 7.33 1.71 -9.27
N SER A 3 6.75 0.97 -10.20
CA SER A 3 5.37 1.20 -10.62
C SER A 3 4.41 1.00 -9.45
N VAL A 4 3.48 1.93 -9.29
CA VAL A 4 2.50 1.85 -8.22
C VAL A 4 1.56 0.67 -8.42
N GLU A 5 1.22 0.41 -9.67
CA GLU A 5 0.31 -0.69 -10.00
C GLU A 5 0.89 -2.02 -9.51
N ASP A 6 2.18 -2.22 -9.71
CA ASP A 6 2.85 -3.44 -9.28
C ASP A 6 2.80 -3.57 -7.76
N ILE A 7 2.92 -2.44 -7.08
CA ILE A 7 2.88 -2.41 -5.62
C ILE A 7 1.50 -2.79 -5.11
N LYS A 8 0.46 -2.25 -5.75
CA LYS A 8 -0.91 -2.54 -5.36
C LYS A 8 -1.26 -4.00 -5.64
N ALA A 9 -0.74 -4.52 -6.75
CA ALA A 9 -0.99 -5.91 -7.14
C ALA A 9 -0.32 -6.88 -6.17
N LYS A 10 0.93 -6.57 -5.81
CA LYS A 10 1.67 -7.41 -4.89
C LYS A 10 1.03 -7.41 -3.51
N MET A 11 0.70 -6.22 -3.02
CA MET A 11 0.07 -6.09 -1.71
C MET A 11 -1.27 -6.81 -1.72
N GLN A 12 -2.02 -6.65 -2.80
CA GLN A 12 -3.31 -7.31 -2.94
C GLN A 12 -3.13 -8.81 -2.84
N ALA A 13 -2.11 -9.33 -3.52
CA ALA A 13 -1.83 -10.76 -3.48
C ALA A 13 -1.59 -11.19 -2.04
N SER A 14 -0.83 -10.37 -1.32
CA SER A 14 -0.54 -10.64 0.09
C SER A 14 -1.83 -10.60 0.90
N ILE A 15 -2.74 -9.70 0.51
CA ILE A 15 -4.02 -9.56 1.20
C ILE A 15 -4.85 -10.83 1.04
N GLU A 16 -4.85 -11.39 -0.17
CA GLU A 16 -5.60 -12.61 -0.45
C GLU A 16 -4.95 -13.81 0.24
N LYS A 17 -3.63 -13.80 0.30
CA LYS A 17 -2.89 -14.89 0.93
C LYS A 17 -2.57 -14.57 2.39
N GLY A 18 -3.23 -13.55 2.93
CA GLY A 18 -2.98 -13.16 4.31
C GLY A 18 -4.26 -12.79 5.04
N GLY A 19 -4.85 -11.66 4.64
CA GLY A 19 -6.08 -11.20 5.27
C GLY A 19 -6.45 -9.80 4.87
N SER A 20 -5.81 -8.81 5.50
CA SER A 20 -6.08 -7.41 5.19
C SER A 20 -4.83 -6.56 5.43
N LEU A 21 -4.89 -5.30 5.01
CA LEU A 21 -3.77 -4.38 5.18
C LEU A 21 -4.02 -3.43 6.35
N PRO A 22 -2.97 -2.74 6.82
CA PRO A 22 -3.09 -1.80 7.94
C PRO A 22 -4.23 -0.80 7.76
N LYS A 23 -5.12 -0.75 8.75
CA LYS A 23 -6.26 0.15 8.70
C LYS A 23 -5.90 1.56 9.19
N VAL A 24 -4.73 1.67 9.82
CA VAL A 24 -4.28 2.97 10.32
C VAL A 24 -3.36 3.63 9.30
N GLU A 25 -3.78 4.79 8.80
CA GLU A 25 -3.01 5.54 7.80
C GLU A 25 -1.51 5.51 8.10
N ALA A 26 -1.16 5.76 9.36
CA ALA A 26 0.25 5.78 9.75
C ALA A 26 0.90 4.40 9.62
N LYS A 27 0.15 3.36 9.94
CA LYS A 27 0.67 2.00 9.84
C LYS A 27 0.75 1.59 8.39
N PHE A 28 -0.20 2.07 7.60
CA PHE A 28 -0.23 1.77 6.18
C PHE A 28 0.92 2.47 5.48
N ILE A 29 1.09 3.76 5.78
CA ILE A 29 2.16 4.54 5.20
C ILE A 29 3.51 3.96 5.59
N ASN A 30 3.63 3.54 6.85
CA ASN A 30 4.87 2.97 7.36
C ASN A 30 5.17 1.65 6.66
N TYR A 31 4.14 0.84 6.45
CA TYR A 31 4.31 -0.46 5.80
C TYR A 31 4.71 -0.30 4.33
N VAL A 32 3.97 0.55 3.61
CA VAL A 32 4.26 0.78 2.19
C VAL A 32 5.62 1.47 2.01
N LYS A 33 5.86 2.49 2.83
CA LYS A 33 7.11 3.24 2.77
C LYS A 33 8.31 2.36 3.10
N ASN A 34 8.11 1.41 4.00
CA ASN A 34 9.19 0.51 4.40
C ASN A 34 9.46 -0.56 3.35
N CYS A 35 8.40 -1.15 2.83
CA CYS A 35 8.53 -2.22 1.83
C CYS A 35 8.78 -1.70 0.42
N PHE A 36 8.07 -0.64 0.02
CA PHE A 36 8.21 -0.10 -1.33
C PHE A 36 8.86 1.30 -1.35
N ARG A 37 9.10 1.88 -0.19
CA ARG A 37 9.71 3.21 -0.13
C ARG A 37 8.83 4.25 -0.84
N MET A 38 7.52 4.08 -0.74
CA MET A 38 6.59 5.01 -1.37
C MET A 38 6.51 6.31 -0.57
N THR A 39 7.53 7.15 -0.74
CA THR A 39 7.59 8.43 -0.02
C THR A 39 6.94 9.56 -0.83
N ASP A 40 6.30 9.21 -1.94
CA ASP A 40 5.64 10.21 -2.79
C ASP A 40 4.23 10.48 -2.29
N GLN A 41 3.92 11.76 -2.05
CA GLN A 41 2.60 12.13 -1.57
C GLN A 41 1.51 11.60 -2.48
N GLU A 42 1.79 11.54 -3.78
CA GLU A 42 0.83 11.03 -4.74
C GLU A 42 0.62 9.53 -4.55
N ALA A 43 1.73 8.80 -4.40
CA ALA A 43 1.66 7.36 -4.21
C ALA A 43 1.04 7.03 -2.87
N ILE A 44 1.34 7.83 -1.87
CA ILE A 44 0.79 7.64 -0.53
C ILE A 44 -0.71 7.87 -0.52
N GLN A 45 -1.13 8.95 -1.18
CA GLN A 45 -2.55 9.27 -1.27
C GLN A 45 -3.31 8.22 -2.07
N ASP A 46 -2.69 7.76 -3.15
CA ASP A 46 -3.30 6.75 -4.01
C ASP A 46 -3.35 5.40 -3.29
N LEU A 47 -2.23 5.04 -2.66
CA LEU A 47 -2.15 3.77 -1.93
C LEU A 47 -3.11 3.77 -0.75
N TRP A 48 -3.24 4.92 -0.10
CA TRP A 48 -4.13 5.04 1.04
C TRP A 48 -5.57 4.99 0.58
N GLN A 49 -5.86 5.68 -0.51
CA GLN A 49 -7.21 5.68 -1.07
C GLN A 49 -7.58 4.27 -1.51
N TRP A 50 -6.58 3.53 -1.97
CA TRP A 50 -6.78 2.15 -2.42
C TRP A 50 -7.13 1.27 -1.23
N ARG A 51 -6.41 1.44 -0.12
CA ARG A 51 -6.67 0.65 1.08
C ARG A 51 -8.02 1.01 1.68
N LYS A 52 -8.40 2.28 1.56
CA LYS A 52 -9.67 2.75 2.09
C LYS A 52 -10.83 2.19 1.30
N SER A 53 -10.59 1.94 0.01
CA SER A 53 -11.61 1.38 -0.86
C SER A 53 -11.43 -0.14 -1.00
N LEU A 54 -10.26 -0.62 -0.57
CA LEU A 54 -9.96 -2.05 -0.65
C LEU A 54 -10.79 -2.83 0.37
N GLY A 1 11.90 3.95 -5.99
CA GLY A 1 10.61 4.29 -6.64
C GLY A 1 9.78 3.06 -6.94
N GLY A 2 8.83 3.20 -7.88
CA GLY A 2 7.99 2.08 -8.24
C GLY A 2 6.59 2.51 -8.61
N SER A 3 5.87 1.65 -9.33
CA SER A 3 4.51 1.95 -9.74
C SER A 3 3.49 1.44 -8.71
N VAL A 4 2.39 2.17 -8.57
CA VAL A 4 1.35 1.79 -7.63
C VAL A 4 0.67 0.50 -8.05
N GLU A 5 0.65 0.24 -9.35
CA GLU A 5 0.04 -0.96 -9.89
C GLU A 5 0.75 -2.21 -9.37
N ASP A 6 2.08 -2.15 -9.36
CA ASP A 6 2.88 -3.27 -8.87
C ASP A 6 2.69 -3.44 -7.37
N ILE A 7 2.65 -2.33 -6.65
CA ILE A 7 2.47 -2.34 -5.22
C ILE A 7 1.09 -2.90 -4.87
N LYS A 8 0.09 -2.52 -5.65
CA LYS A 8 -1.27 -3.00 -5.43
C LYS A 8 -1.37 -4.49 -5.66
N ALA A 9 -0.78 -4.95 -6.76
CA ALA A 9 -0.80 -6.37 -7.11
C ALA A 9 -0.10 -7.21 -6.04
N LYS A 10 1.04 -6.72 -5.57
CA LYS A 10 1.82 -7.43 -4.55
C LYS A 10 1.04 -7.49 -3.23
N MET A 11 0.50 -6.36 -2.81
CA MET A 11 -0.26 -6.30 -1.58
C MET A 11 -1.51 -7.18 -1.69
N GLN A 12 -2.16 -7.13 -2.85
CA GLN A 12 -3.34 -7.93 -3.09
C GLN A 12 -2.99 -9.42 -2.98
N ALA A 13 -1.83 -9.77 -3.52
CA ALA A 13 -1.36 -11.15 -3.48
C ALA A 13 -1.20 -11.58 -2.02
N SER A 14 -0.57 -10.73 -1.22
CA SER A 14 -0.37 -11.02 0.19
C SER A 14 -1.72 -11.17 0.89
N ILE A 15 -2.69 -10.36 0.45
CA ILE A 15 -4.04 -10.41 1.02
C ILE A 15 -4.71 -11.73 0.68
N GLU A 16 -4.55 -12.16 -0.57
CA GLU A 16 -5.13 -13.42 -1.02
C GLU A 16 -4.47 -14.60 -0.34
N LYS A 17 -3.19 -14.45 -0.02
CA LYS A 17 -2.43 -15.51 0.64
C LYS A 17 -2.47 -15.37 2.15
N GLY A 18 -3.38 -14.52 2.65
CA GLY A 18 -3.49 -14.31 4.08
C GLY A 18 -3.01 -12.94 4.52
N GLY A 19 -3.76 -11.91 4.14
CA GLY A 19 -3.39 -10.56 4.50
C GLY A 19 -4.58 -9.70 4.88
N SER A 20 -4.40 -8.39 4.89
CA SER A 20 -5.48 -7.47 5.23
C SER A 20 -5.01 -6.01 5.12
N LEU A 21 -3.75 -5.77 5.46
CA LEU A 21 -3.19 -4.42 5.41
C LEU A 21 -3.72 -3.57 6.56
N PRO A 22 -2.88 -2.66 7.10
CA PRO A 22 -3.26 -1.79 8.21
C PRO A 22 -4.51 -0.98 7.90
N LYS A 23 -5.03 -0.29 8.92
CA LYS A 23 -6.23 0.52 8.76
C LYS A 23 -5.97 1.99 9.13
N VAL A 24 -4.82 2.25 9.74
CA VAL A 24 -4.48 3.62 10.12
C VAL A 24 -3.53 4.23 9.09
N GLU A 25 -3.87 5.42 8.61
CA GLU A 25 -3.07 6.11 7.61
C GLU A 25 -1.57 6.02 7.91
N ALA A 26 -1.20 6.25 9.16
CA ALA A 26 0.21 6.21 9.56
C ALA A 26 0.78 4.79 9.48
N LYS A 27 -0.03 3.81 9.85
CA LYS A 27 0.41 2.42 9.81
C LYS A 27 0.50 1.94 8.37
N PHE A 28 -0.41 2.44 7.54
CA PHE A 28 -0.43 2.09 6.13
C PHE A 28 0.77 2.72 5.43
N ILE A 29 0.99 4.00 5.70
CA ILE A 29 2.11 4.71 5.11
C ILE A 29 3.43 4.06 5.51
N ASN A 30 3.53 3.66 6.77
CA ASN A 30 4.75 3.02 7.25
C ASN A 30 4.95 1.65 6.59
N TYR A 31 3.85 0.91 6.44
CA TYR A 31 3.93 -0.41 5.81
C TYR A 31 4.25 -0.31 4.32
N VAL A 32 3.50 0.51 3.60
CA VAL A 32 3.73 0.68 2.16
C VAL A 32 5.06 1.36 1.88
N LYS A 33 5.34 2.43 2.63
CA LYS A 33 6.58 3.18 2.45
C LYS A 33 7.80 2.34 2.77
N ASN A 34 7.70 1.50 3.81
CA ASN A 34 8.81 0.65 4.21
C ASN A 34 8.95 -0.56 3.30
N CYS A 35 7.82 -1.11 2.87
CA CYS A 35 7.82 -2.29 2.01
C CYS A 35 8.09 -1.96 0.54
N PHE A 36 7.47 -0.89 0.04
CA PHE A 36 7.64 -0.49 -1.35
C PHE A 36 8.41 0.82 -1.51
N ARG A 37 9.04 1.29 -0.43
CA ARG A 37 9.81 2.52 -0.49
C ARG A 37 8.96 3.68 -1.03
N MET A 38 7.64 3.56 -0.91
CA MET A 38 6.73 4.59 -1.39
C MET A 38 6.75 5.81 -0.47
N THR A 39 7.69 6.73 -0.72
CA THR A 39 7.82 7.92 0.09
C THR A 39 7.25 9.16 -0.63
N ASP A 40 6.60 8.94 -1.76
CA ASP A 40 6.02 10.03 -2.53
C ASP A 40 4.62 10.36 -2.01
N GLN A 41 4.38 11.64 -1.74
CA GLN A 41 3.09 12.08 -1.23
C GLN A 41 1.96 11.68 -2.18
N GLU A 42 2.26 11.68 -3.47
CA GLU A 42 1.27 11.30 -4.48
C GLU A 42 0.96 9.82 -4.40
N ALA A 43 2.01 9.00 -4.29
CA ALA A 43 1.86 7.56 -4.18
C ALA A 43 1.19 7.20 -2.87
N ILE A 44 1.54 7.93 -1.82
CA ILE A 44 0.98 7.70 -0.49
C ILE A 44 -0.52 8.01 -0.50
N GLN A 45 -0.88 9.11 -1.12
CA GLN A 45 -2.28 9.52 -1.20
C GLN A 45 -3.08 8.52 -2.01
N ASP A 46 -2.51 8.08 -3.13
CA ASP A 46 -3.18 7.11 -4.01
C ASP A 46 -3.27 5.75 -3.32
N LEU A 47 -2.17 5.32 -2.70
CA LEU A 47 -2.13 4.04 -2.02
C LEU A 47 -3.08 4.05 -0.83
N TRP A 48 -3.17 5.19 -0.15
CA TRP A 48 -4.05 5.31 1.00
C TRP A 48 -5.50 5.29 0.53
N GLN A 49 -5.76 6.03 -0.54
CA GLN A 49 -7.11 6.08 -1.10
C GLN A 49 -7.52 4.68 -1.55
N TRP A 50 -6.54 3.92 -2.01
CA TRP A 50 -6.79 2.55 -2.47
C TRP A 50 -7.17 1.67 -1.29
N ARG A 51 -6.43 1.80 -0.18
CA ARG A 51 -6.72 1.02 1.01
C ARG A 51 -8.07 1.38 1.60
N LYS A 52 -8.44 2.66 1.48
CA LYS A 52 -9.71 3.14 1.99
C LYS A 52 -10.86 2.59 1.17
N SER A 53 -10.60 2.37 -0.11
CA SER A 53 -11.62 1.84 -1.01
C SER A 53 -11.46 0.32 -1.17
N LEU A 54 -10.32 -0.20 -0.71
CA LEU A 54 -10.05 -1.63 -0.79
C LEU A 54 -11.13 -2.43 -0.05
N GLY A 1 10.41 -0.27 -4.66
CA GLY A 1 10.10 0.93 -5.49
C GLY A 1 9.77 0.58 -6.92
N GLY A 2 8.88 1.36 -7.54
CA GLY A 2 8.49 1.10 -8.91
C GLY A 2 7.21 1.84 -9.29
N SER A 3 6.09 1.14 -9.22
CA SER A 3 4.80 1.73 -9.57
C SER A 3 3.73 1.33 -8.56
N VAL A 4 2.67 2.13 -8.47
CA VAL A 4 1.58 1.86 -7.55
C VAL A 4 0.82 0.60 -7.96
N GLU A 5 0.85 0.30 -9.26
CA GLU A 5 0.17 -0.88 -9.78
C GLU A 5 0.82 -2.15 -9.26
N ASP A 6 2.15 -2.17 -9.26
CA ASP A 6 2.89 -3.33 -8.78
C ASP A 6 2.71 -3.50 -7.28
N ILE A 7 2.64 -2.37 -6.57
CA ILE A 7 2.46 -2.38 -5.13
C ILE A 7 1.08 -2.91 -4.77
N LYS A 8 0.08 -2.48 -5.52
CA LYS A 8 -1.30 -2.91 -5.29
C LYS A 8 -1.45 -4.40 -5.57
N ALA A 9 -0.87 -4.84 -6.68
CA ALA A 9 -0.93 -6.25 -7.07
C ALA A 9 -0.23 -7.13 -6.04
N LYS A 10 0.93 -6.69 -5.58
CA LYS A 10 1.70 -7.45 -4.60
C LYS A 10 0.93 -7.55 -3.28
N MET A 11 0.42 -6.41 -2.81
CA MET A 11 -0.33 -6.38 -1.57
C MET A 11 -1.58 -7.24 -1.69
N GLN A 12 -2.25 -7.13 -2.84
CA GLN A 12 -3.46 -7.91 -3.09
C GLN A 12 -3.13 -9.40 -3.05
N ALA A 13 -1.98 -9.75 -3.61
CA ALA A 13 -1.54 -11.14 -3.64
C ALA A 13 -1.35 -11.65 -2.21
N SER A 14 -0.68 -10.86 -1.39
CA SER A 14 -0.45 -11.24 0.01
C SER A 14 -1.77 -11.38 0.74
N ILE A 15 -2.72 -10.49 0.43
CA ILE A 15 -4.04 -10.53 1.05
C ILE A 15 -4.79 -11.77 0.60
N GLU A 16 -4.70 -12.06 -0.69
CA GLU A 16 -5.37 -13.22 -1.26
C GLU A 16 -4.76 -14.52 -0.74
N LYS A 17 -3.48 -14.47 -0.39
CA LYS A 17 -2.78 -15.64 0.12
C LYS A 17 -2.82 -15.69 1.65
N GLY A 18 -3.70 -14.87 2.24
CA GLY A 18 -3.82 -14.85 3.69
C GLY A 18 -3.09 -13.68 4.31
N GLY A 19 -3.46 -12.47 3.90
CA GLY A 19 -2.83 -11.28 4.44
C GLY A 19 -3.80 -10.14 4.65
N SER A 20 -3.35 -9.10 5.32
CA SER A 20 -4.19 -7.93 5.59
C SER A 20 -3.36 -6.66 5.65
N LEU A 21 -4.02 -5.52 5.45
CA LEU A 21 -3.34 -4.22 5.47
C LEU A 21 -3.86 -3.36 6.62
N PRO A 22 -3.00 -2.52 7.20
CA PRO A 22 -3.39 -1.64 8.31
C PRO A 22 -4.61 -0.80 7.98
N LYS A 23 -5.15 -0.12 8.99
CA LYS A 23 -6.33 0.72 8.80
C LYS A 23 -6.03 2.18 9.15
N VAL A 24 -4.91 2.43 9.82
CA VAL A 24 -4.53 3.79 10.18
C VAL A 24 -3.58 4.37 9.14
N GLU A 25 -3.90 5.57 8.67
CA GLU A 25 -3.09 6.25 7.66
C GLU A 25 -1.60 6.15 7.96
N ALA A 26 -1.22 6.42 9.21
CA ALA A 26 0.19 6.37 9.61
C ALA A 26 0.75 4.96 9.53
N LYS A 27 -0.05 3.98 9.92
CA LYS A 27 0.38 2.58 9.88
C LYS A 27 0.47 2.11 8.44
N PHE A 28 -0.44 2.60 7.61
CA PHE A 28 -0.46 2.24 6.21
C PHE A 28 0.75 2.84 5.51
N ILE A 29 0.98 4.13 5.76
CA ILE A 29 2.11 4.82 5.17
C ILE A 29 3.42 4.16 5.58
N ASN A 30 3.50 3.77 6.85
CA ASN A 30 4.70 3.11 7.36
C ASN A 30 4.90 1.74 6.72
N TYR A 31 3.82 1.00 6.54
CA TYR A 31 3.90 -0.33 5.94
C TYR A 31 4.26 -0.25 4.46
N VAL A 32 3.52 0.56 3.70
CA VAL A 32 3.76 0.71 2.27
C VAL A 32 5.10 1.39 2.00
N LYS A 33 5.38 2.46 2.74
CA LYS A 33 6.62 3.21 2.56
C LYS A 33 7.84 2.36 2.88
N ASN A 34 7.74 1.52 3.89
CA ASN A 34 8.86 0.66 4.29
C ASN A 34 9.01 -0.54 3.36
N CYS A 35 7.88 -1.10 2.94
CA CYS A 35 7.90 -2.27 2.07
C CYS A 35 8.15 -1.92 0.60
N PHE A 36 7.51 -0.86 0.11
CA PHE A 36 7.67 -0.45 -1.28
C PHE A 36 8.41 0.86 -1.44
N ARG A 37 9.04 1.34 -0.37
CA ARG A 37 9.79 2.60 -0.43
C ARG A 37 8.93 3.72 -1.00
N MET A 38 7.62 3.60 -0.88
CA MET A 38 6.69 4.61 -1.39
C MET A 38 6.71 5.86 -0.52
N THR A 39 7.65 6.75 -0.79
CA THR A 39 7.79 8.00 -0.02
C THR A 39 7.22 9.19 -0.77
N ASP A 40 6.56 8.93 -1.90
CA ASP A 40 5.97 10.01 -2.71
C ASP A 40 4.57 10.34 -2.19
N GLN A 41 4.32 11.62 -1.94
CA GLN A 41 3.03 12.06 -1.45
C GLN A 41 1.91 11.63 -2.39
N GLU A 42 2.21 11.60 -3.69
CA GLU A 42 1.23 11.19 -4.69
C GLU A 42 0.93 9.70 -4.55
N ALA A 43 1.98 8.91 -4.42
CA ALA A 43 1.83 7.46 -4.29
C ALA A 43 1.15 7.12 -2.97
N ILE A 44 1.50 7.86 -1.92
CA ILE A 44 0.92 7.65 -0.61
C ILE A 44 -0.56 7.98 -0.62
N GLN A 45 -0.92 9.09 -1.27
CA GLN A 45 -2.31 9.51 -1.36
C GLN A 45 -3.12 8.48 -2.13
N ASP A 46 -2.58 8.01 -3.25
CA ASP A 46 -3.25 7.03 -4.07
C ASP A 46 -3.33 5.69 -3.35
N LEU A 47 -2.22 5.30 -2.72
CA LEU A 47 -2.17 4.04 -1.99
C LEU A 47 -3.14 4.07 -0.80
N TRP A 48 -3.24 5.23 -0.16
CA TRP A 48 -4.13 5.39 0.97
C TRP A 48 -5.57 5.35 0.49
N GLN A 49 -5.83 6.03 -0.62
CA GLN A 49 -7.17 6.03 -1.20
C GLN A 49 -7.55 4.63 -1.62
N TRP A 50 -6.54 3.85 -2.01
CA TRP A 50 -6.75 2.47 -2.43
C TRP A 50 -7.17 1.62 -1.24
N ARG A 51 -6.49 1.80 -0.12
CA ARG A 51 -6.81 1.06 1.10
C ARG A 51 -8.15 1.49 1.66
N LYS A 52 -8.45 2.78 1.53
CA LYS A 52 -9.71 3.33 2.01
C LYS A 52 -10.88 2.85 1.17
N SER A 53 -10.61 2.59 -0.11
CA SER A 53 -11.62 2.10 -1.02
C SER A 53 -11.56 0.57 -1.11
N LEU A 54 -10.46 0.00 -0.64
CA LEU A 54 -10.29 -1.46 -0.68
C LEU A 54 -10.45 -2.05 0.71
N GLY A 1 11.08 5.15 -8.93
CA GLY A 1 11.31 3.67 -8.96
C GLY A 1 10.10 2.90 -8.46
N GLY A 2 9.62 1.96 -9.27
CA GLY A 2 8.48 1.17 -8.88
C GLY A 2 7.17 1.91 -9.07
N SER A 3 6.20 1.24 -9.72
CA SER A 3 4.89 1.85 -9.97
C SER A 3 3.88 1.37 -8.94
N VAL A 4 2.79 2.11 -8.81
CA VAL A 4 1.74 1.77 -7.86
C VAL A 4 1.04 0.48 -8.27
N GLU A 5 1.04 0.19 -9.57
CA GLU A 5 0.41 -1.01 -10.09
C GLU A 5 1.09 -2.26 -9.54
N ASP A 6 2.42 -2.25 -9.51
CA ASP A 6 3.19 -3.36 -8.99
C ASP A 6 2.99 -3.47 -7.49
N ILE A 7 2.92 -2.33 -6.83
CA ILE A 7 2.72 -2.28 -5.38
C ILE A 7 1.34 -2.81 -5.02
N LYS A 8 0.33 -2.40 -5.79
CA LYS A 8 -1.04 -2.84 -5.56
C LYS A 8 -1.17 -4.34 -5.78
N ALA A 9 -0.54 -4.83 -6.84
CA ALA A 9 -0.59 -6.25 -7.17
C ALA A 9 0.10 -7.10 -6.10
N LYS A 10 1.26 -6.64 -5.64
CA LYS A 10 2.01 -7.35 -4.62
C LYS A 10 1.23 -7.40 -3.30
N MET A 11 0.72 -6.25 -2.89
CA MET A 11 -0.05 -6.19 -1.65
C MET A 11 -1.29 -7.06 -1.75
N GLN A 12 -1.94 -7.02 -2.92
CA GLN A 12 -3.13 -7.82 -3.16
C GLN A 12 -2.80 -9.30 -2.98
N ALA A 13 -1.68 -9.72 -3.56
CA ALA A 13 -1.24 -11.09 -3.43
C ALA A 13 -1.06 -11.44 -1.95
N SER A 14 -0.47 -10.51 -1.22
CA SER A 14 -0.27 -10.68 0.22
C SER A 14 -1.61 -10.77 0.93
N ILE A 15 -2.58 -9.99 0.44
CA ILE A 15 -3.92 -9.97 1.01
C ILE A 15 -4.57 -11.34 0.87
N GLU A 16 -4.42 -11.94 -0.30
CA GLU A 16 -4.99 -13.26 -0.56
C GLU A 16 -4.25 -14.33 0.23
N LYS A 17 -2.95 -14.16 0.39
CA LYS A 17 -2.13 -15.11 1.13
C LYS A 17 -1.90 -14.66 2.57
N GLY A 18 -2.69 -13.67 3.01
CA GLY A 18 -2.54 -13.16 4.37
C GLY A 18 -3.87 -12.82 5.00
N GLY A 19 -4.47 -11.72 4.56
CA GLY A 19 -5.75 -11.30 5.11
C GLY A 19 -6.07 -9.85 4.78
N SER A 20 -6.07 -9.00 5.82
CA SER A 20 -6.37 -7.59 5.64
C SER A 20 -5.08 -6.76 5.64
N LEU A 21 -5.24 -5.44 5.52
CA LEU A 21 -4.10 -4.53 5.50
C LEU A 21 -4.24 -3.46 6.57
N PRO A 22 -3.16 -2.73 6.88
CA PRO A 22 -3.17 -1.67 7.89
C PRO A 22 -4.34 -0.71 7.71
N LYS A 23 -5.16 -0.58 8.74
CA LYS A 23 -6.32 0.30 8.71
C LYS A 23 -5.97 1.71 9.18
N VAL A 24 -4.79 1.86 9.78
CA VAL A 24 -4.35 3.16 10.27
C VAL A 24 -3.41 3.82 9.27
N GLU A 25 -3.81 4.99 8.77
CA GLU A 25 -3.01 5.73 7.80
C GLU A 25 -1.52 5.65 8.11
N ALA A 26 -1.16 5.81 9.38
CA ALA A 26 0.24 5.77 9.78
C ALA A 26 0.84 4.37 9.61
N LYS A 27 0.05 3.35 9.92
CA LYS A 27 0.52 1.98 9.78
C LYS A 27 0.59 1.60 8.32
N PHE A 28 -0.35 2.13 7.54
CA PHE A 28 -0.39 1.88 6.12
C PHE A 28 0.78 2.58 5.43
N ILE A 29 0.99 3.86 5.78
CA ILE A 29 2.08 4.62 5.20
C ILE A 29 3.42 3.97 5.52
N ASN A 30 3.57 3.49 6.75
CA ASN A 30 4.81 2.84 7.16
C ASN A 30 4.98 1.51 6.43
N TYR A 31 3.89 0.77 6.27
CA TYR A 31 3.94 -0.52 5.60
C TYR A 31 4.23 -0.37 4.10
N VAL A 32 3.47 0.49 3.42
CA VAL A 32 3.65 0.72 2.00
C VAL A 32 5.00 1.39 1.72
N LYS A 33 5.31 2.41 2.50
CA LYS A 33 6.55 3.17 2.33
C LYS A 33 7.78 2.32 2.64
N ASN A 34 7.66 1.42 3.61
CA ASN A 34 8.79 0.58 3.99
C ASN A 34 8.97 -0.58 3.02
N CYS A 35 7.87 -1.13 2.54
CA CYS A 35 7.91 -2.27 1.62
C CYS A 35 8.19 -1.85 0.18
N PHE A 36 7.55 -0.77 -0.27
CA PHE A 36 7.72 -0.30 -1.64
C PHE A 36 8.45 1.03 -1.73
N ARG A 37 9.02 1.49 -0.63
CA ARG A 37 9.76 2.76 -0.61
C ARG A 37 8.91 3.90 -1.18
N MET A 38 7.58 3.74 -1.12
CA MET A 38 6.68 4.76 -1.63
C MET A 38 6.70 6.00 -0.72
N THR A 39 7.69 6.86 -0.94
CA THR A 39 7.83 8.07 -0.14
C THR A 39 7.22 9.29 -0.84
N ASP A 40 6.53 9.06 -1.95
CA ASP A 40 5.91 10.14 -2.70
C ASP A 40 4.52 10.44 -2.15
N GLN A 41 4.27 11.71 -1.81
CA GLN A 41 2.98 12.11 -1.26
C GLN A 41 1.84 11.67 -2.17
N GLU A 42 2.09 11.67 -3.47
CA GLU A 42 1.08 11.26 -4.44
C GLU A 42 0.82 9.76 -4.32
N ALA A 43 1.90 8.99 -4.24
CA ALA A 43 1.80 7.54 -4.13
C ALA A 43 1.16 7.14 -2.80
N ILE A 44 1.54 7.83 -1.74
CA ILE A 44 1.02 7.55 -0.42
C ILE A 44 -0.47 7.89 -0.34
N GLN A 45 -0.84 9.02 -0.94
CA GLN A 45 -2.23 9.46 -0.95
C GLN A 45 -3.09 8.52 -1.79
N ASP A 46 -2.54 8.10 -2.93
CA ASP A 46 -3.25 7.19 -3.82
C ASP A 46 -3.33 5.80 -3.21
N LEU A 47 -2.22 5.35 -2.63
CA LEU A 47 -2.18 4.03 -2.01
C LEU A 47 -3.12 3.99 -0.81
N TRP A 48 -3.18 5.10 -0.08
CA TRP A 48 -4.05 5.18 1.08
C TRP A 48 -5.50 5.21 0.62
N GLN A 49 -5.75 5.96 -0.45
CA GLN A 49 -7.10 6.06 -1.00
C GLN A 49 -7.56 4.68 -1.44
N TRP A 50 -6.61 3.90 -1.96
CA TRP A 50 -6.89 2.54 -2.41
C TRP A 50 -7.25 1.67 -1.22
N ARG A 51 -6.49 1.81 -0.14
CA ARG A 51 -6.74 1.04 1.08
C ARG A 51 -8.12 1.35 1.64
N LYS A 52 -8.49 2.63 1.59
CA LYS A 52 -9.78 3.08 2.09
C LYS A 52 -10.90 2.58 1.20
N SER A 53 -10.60 2.42 -0.08
CA SER A 53 -11.58 1.93 -1.05
C SER A 53 -11.47 0.42 -1.19
N LEU A 54 -10.42 -0.15 -0.61
CA LEU A 54 -10.20 -1.59 -0.66
C LEU A 54 -11.36 -2.35 -0.03
N GLY A 1 9.91 -2.14 -9.44
CA GLY A 1 10.38 -0.74 -9.57
C GLY A 1 9.75 0.18 -8.55
N GLY A 2 8.78 0.98 -8.98
CA GLY A 2 8.12 1.90 -8.09
C GLY A 2 6.75 2.33 -8.60
N SER A 3 6.11 1.46 -9.37
CA SER A 3 4.80 1.76 -9.93
C SER A 3 3.69 1.36 -8.94
N VAL A 4 2.63 2.16 -8.90
CA VAL A 4 1.52 1.89 -8.00
C VAL A 4 0.77 0.62 -8.41
N GLU A 5 0.74 0.34 -9.71
CA GLU A 5 0.06 -0.84 -10.22
C GLU A 5 0.72 -2.10 -9.68
N ASP A 6 2.05 -2.11 -9.69
CA ASP A 6 2.81 -3.26 -9.19
C ASP A 6 2.65 -3.38 -7.68
N ILE A 7 2.74 -2.24 -7.00
CA ILE A 7 2.60 -2.21 -5.55
C ILE A 7 1.20 -2.65 -5.14
N LYS A 8 0.21 -2.22 -5.91
CA LYS A 8 -1.18 -2.58 -5.63
C LYS A 8 -1.40 -4.07 -5.81
N ALA A 9 -0.90 -4.61 -6.92
CA ALA A 9 -1.03 -6.03 -7.20
C ALA A 9 -0.36 -6.86 -6.10
N LYS A 10 0.82 -6.42 -5.68
CA LYS A 10 1.57 -7.09 -4.63
C LYS A 10 0.78 -7.08 -3.33
N MET A 11 0.21 -5.94 -2.99
CA MET A 11 -0.58 -5.81 -1.77
C MET A 11 -1.75 -6.77 -1.80
N GLN A 12 -2.40 -6.85 -2.96
CA GLN A 12 -3.53 -7.76 -3.16
C GLN A 12 -3.10 -9.19 -2.90
N ALA A 13 -1.94 -9.55 -3.45
CA ALA A 13 -1.40 -10.89 -3.28
C ALA A 13 -1.20 -11.18 -1.79
N SER A 14 -0.70 -10.18 -1.07
CA SER A 14 -0.48 -10.31 0.36
C SER A 14 -1.81 -10.43 1.09
N ILE A 15 -2.82 -9.72 0.59
CA ILE A 15 -4.15 -9.76 1.18
C ILE A 15 -4.74 -11.16 1.07
N GLU A 16 -4.58 -11.76 -0.11
CA GLU A 16 -5.09 -13.10 -0.36
C GLU A 16 -4.30 -14.14 0.42
N LYS A 17 -3.00 -13.92 0.55
CA LYS A 17 -2.13 -14.84 1.28
C LYS A 17 -1.87 -14.35 2.70
N GLY A 18 -2.65 -13.38 3.16
CA GLY A 18 -2.48 -12.85 4.50
C GLY A 18 -3.79 -12.56 5.19
N GLY A 19 -4.49 -11.54 4.70
CA GLY A 19 -5.77 -11.17 5.28
C GLY A 19 -6.20 -9.76 4.92
N SER A 20 -5.58 -8.78 5.56
CA SER A 20 -5.91 -7.38 5.28
C SER A 20 -4.68 -6.49 5.44
N LEU A 21 -4.79 -5.26 4.95
CA LEU A 21 -3.68 -4.30 5.03
C LEU A 21 -3.90 -3.31 6.17
N PRO A 22 -2.85 -2.57 6.57
CA PRO A 22 -2.95 -1.59 7.66
C PRO A 22 -4.17 -0.68 7.51
N LYS A 23 -5.08 -0.78 8.49
CA LYS A 23 -6.29 0.03 8.47
C LYS A 23 -6.04 1.45 8.98
N VAL A 24 -4.83 1.71 9.47
CA VAL A 24 -4.47 3.03 9.96
C VAL A 24 -3.54 3.73 8.98
N GLU A 25 -4.01 4.84 8.42
CA GLU A 25 -3.24 5.61 7.44
C GLU A 25 -1.75 5.67 7.80
N ALA A 26 -1.45 5.95 9.06
CA ALA A 26 -0.06 6.05 9.50
C ALA A 26 0.63 4.69 9.43
N LYS A 27 -0.10 3.64 9.76
CA LYS A 27 0.45 2.29 9.71
C LYS A 27 0.63 1.86 8.26
N PHE A 28 -0.29 2.32 7.41
CA PHE A 28 -0.24 2.02 5.99
C PHE A 28 0.93 2.76 5.36
N ILE A 29 1.08 4.02 5.71
CA ILE A 29 2.17 4.84 5.17
C ILE A 29 3.51 4.25 5.56
N ASN A 30 3.63 3.82 6.82
CA ASN A 30 4.86 3.23 7.31
C ASN A 30 5.11 1.87 6.66
N TYR A 31 4.02 1.12 6.45
CA TYR A 31 4.09 -0.20 5.84
C TYR A 31 4.49 -0.12 4.37
N VAL A 32 3.80 0.73 3.62
CA VAL A 32 4.08 0.90 2.20
C VAL A 32 5.46 1.48 1.97
N LYS A 33 5.79 2.51 2.74
CA LYS A 33 7.09 3.18 2.61
C LYS A 33 8.23 2.20 2.88
N ASN A 34 8.00 1.27 3.80
CA ASN A 34 9.01 0.28 4.14
C ASN A 34 9.10 -0.84 3.10
N CYS A 35 7.95 -1.34 2.67
CA CYS A 35 7.90 -2.45 1.71
C CYS A 35 8.09 -1.99 0.26
N PHE A 36 7.47 -0.87 -0.12
CA PHE A 36 7.56 -0.39 -1.50
C PHE A 36 8.37 0.91 -1.61
N ARG A 37 8.90 1.40 -0.49
CA ARG A 37 9.69 2.63 -0.52
C ARG A 37 8.87 3.81 -1.05
N MET A 38 7.54 3.68 -1.02
CA MET A 38 6.65 4.74 -1.50
C MET A 38 6.69 5.93 -0.55
N THR A 39 7.73 6.76 -0.69
CA THR A 39 7.89 7.93 0.16
C THR A 39 7.23 9.17 -0.46
N ASP A 40 6.58 8.99 -1.61
CA ASP A 40 5.92 10.10 -2.28
C ASP A 40 4.51 10.29 -1.73
N GLN A 41 4.20 11.52 -1.32
CA GLN A 41 2.88 11.82 -0.77
C GLN A 41 1.77 11.46 -1.76
N GLU A 42 2.06 11.63 -3.05
CA GLU A 42 1.09 11.31 -4.09
C GLU A 42 0.86 9.81 -4.18
N ALA A 43 1.94 9.05 -4.17
CA ALA A 43 1.86 7.60 -4.25
C ALA A 43 1.23 7.03 -2.99
N ILE A 44 1.66 7.55 -1.84
CA ILE A 44 1.13 7.09 -0.56
C ILE A 44 -0.34 7.47 -0.41
N GLN A 45 -0.68 8.68 -0.87
CA GLN A 45 -2.05 9.15 -0.80
C GLN A 45 -2.96 8.28 -1.66
N ASP A 46 -2.50 7.98 -2.87
CA ASP A 46 -3.25 7.15 -3.80
C ASP A 46 -3.29 5.71 -3.29
N LEU A 47 -2.15 5.25 -2.77
CA LEU A 47 -2.06 3.90 -2.24
C LEU A 47 -2.96 3.74 -1.03
N TRP A 48 -3.03 4.80 -0.22
CA TRP A 48 -3.88 4.78 0.96
C TRP A 48 -5.34 4.82 0.54
N GLN A 49 -5.64 5.62 -0.47
CA GLN A 49 -7.00 5.73 -0.99
C GLN A 49 -7.45 4.37 -1.50
N TRP A 50 -6.51 3.63 -2.10
CA TRP A 50 -6.79 2.30 -2.62
C TRP A 50 -7.08 1.34 -1.46
N ARG A 51 -6.26 1.42 -0.41
CA ARG A 51 -6.44 0.56 0.75
C ARG A 51 -7.78 0.85 1.43
N LYS A 52 -8.18 2.11 1.41
CA LYS A 52 -9.44 2.53 2.02
C LYS A 52 -10.62 1.99 1.21
N SER A 53 -10.42 1.84 -0.09
CA SER A 53 -11.46 1.34 -0.97
C SER A 53 -11.31 -0.16 -1.17
N LEU A 54 -10.14 -0.70 -0.77
CA LEU A 54 -9.87 -2.12 -0.90
C LEU A 54 -10.75 -2.93 0.04
N GLY A 1 10.50 -2.51 -5.70
CA GLY A 1 10.29 -1.04 -5.84
C GLY A 1 10.34 -0.58 -7.27
N GLY A 2 9.16 -0.39 -7.88
CA GLY A 2 9.09 0.06 -9.26
C GLY A 2 7.91 0.96 -9.52
N SER A 3 6.79 0.36 -9.90
CA SER A 3 5.57 1.11 -10.18
C SER A 3 4.56 0.97 -9.05
N VAL A 4 3.65 1.93 -8.95
CA VAL A 4 2.63 1.90 -7.91
C VAL A 4 1.65 0.75 -8.13
N GLU A 5 1.36 0.50 -9.39
CA GLU A 5 0.44 -0.58 -9.76
C GLU A 5 0.95 -1.92 -9.26
N ASP A 6 2.26 -2.15 -9.41
CA ASP A 6 2.87 -3.40 -8.96
C ASP A 6 2.73 -3.54 -7.44
N ILE A 7 2.84 -2.43 -6.73
CA ILE A 7 2.72 -2.43 -5.28
C ILE A 7 1.30 -2.77 -4.85
N LYS A 8 0.33 -2.18 -5.52
CA LYS A 8 -1.08 -2.43 -5.20
C LYS A 8 -1.45 -3.87 -5.50
N ALA A 9 -0.97 -4.38 -6.64
CA ALA A 9 -1.24 -5.76 -7.04
C ALA A 9 -0.59 -6.74 -6.08
N LYS A 10 0.64 -6.43 -5.67
CA LYS A 10 1.37 -7.30 -4.75
C LYS A 10 0.68 -7.38 -3.40
N MET A 11 0.28 -6.22 -2.87
CA MET A 11 -0.40 -6.17 -1.59
C MET A 11 -1.74 -6.90 -1.68
N GLN A 12 -2.44 -6.69 -2.78
CA GLN A 12 -3.73 -7.33 -3.00
C GLN A 12 -3.56 -8.84 -3.05
N ALA A 13 -2.48 -9.28 -3.67
CA ALA A 13 -2.19 -10.71 -3.78
C ALA A 13 -1.95 -11.31 -2.40
N SER A 14 -1.13 -10.63 -1.60
CA SER A 14 -0.83 -11.09 -0.25
C SER A 14 -2.11 -11.12 0.58
N ILE A 15 -2.99 -10.15 0.34
CA ILE A 15 -4.26 -10.07 1.05
C ILE A 15 -5.18 -11.21 0.63
N GLU A 16 -5.24 -11.46 -0.67
CA GLU A 16 -6.07 -12.52 -1.21
C GLU A 16 -5.56 -13.89 -0.78
N LYS A 17 -4.26 -13.99 -0.55
CA LYS A 17 -3.64 -15.24 -0.13
C LYS A 17 -3.59 -15.34 1.40
N GLY A 18 -4.32 -14.46 2.09
CA GLY A 18 -4.34 -14.48 3.54
C GLY A 18 -3.50 -13.36 4.14
N GLY A 19 -3.78 -12.13 3.71
CA GLY A 19 -3.06 -10.99 4.23
C GLY A 19 -3.96 -9.99 4.91
N SER A 20 -3.39 -8.86 5.32
CA SER A 20 -4.15 -7.81 6.00
C SER A 20 -3.30 -6.56 6.20
N LEU A 21 -3.66 -5.48 5.52
CA LEU A 21 -2.94 -4.22 5.63
C LEU A 21 -3.47 -3.39 6.80
N PRO A 22 -2.67 -2.40 7.27
CA PRO A 22 -3.06 -1.54 8.39
C PRO A 22 -4.35 -0.76 8.09
N LYS A 23 -4.93 -0.18 9.13
CA LYS A 23 -6.16 0.59 9.00
C LYS A 23 -5.92 2.07 9.28
N VAL A 24 -4.81 2.39 9.95
CA VAL A 24 -4.48 3.76 10.27
C VAL A 24 -3.54 4.33 9.22
N GLU A 25 -3.87 5.51 8.69
CA GLU A 25 -3.07 6.16 7.67
C GLU A 25 -1.58 6.11 7.98
N ALA A 26 -1.21 6.41 9.22
CA ALA A 26 0.19 6.42 9.62
C ALA A 26 0.79 5.01 9.58
N LYS A 27 0.02 4.02 9.98
CA LYS A 27 0.50 2.63 9.97
C LYS A 27 0.57 2.12 8.54
N PHE A 28 -0.37 2.56 7.72
CA PHE A 28 -0.40 2.16 6.32
C PHE A 28 0.77 2.78 5.58
N ILE A 29 0.95 4.08 5.79
CA ILE A 29 2.05 4.80 5.17
C ILE A 29 3.38 4.20 5.59
N ASN A 30 3.50 3.85 6.86
CA ASN A 30 4.74 3.27 7.37
C ASN A 30 5.00 1.91 6.73
N TYR A 31 3.96 1.10 6.57
CA TYR A 31 4.11 -0.23 5.96
C TYR A 31 4.46 -0.12 4.48
N VAL A 32 3.68 0.65 3.73
CA VAL A 32 3.92 0.81 2.29
C VAL A 32 5.22 1.55 2.02
N LYS A 33 5.44 2.63 2.75
CA LYS A 33 6.65 3.44 2.58
C LYS A 33 7.92 2.67 2.87
N ASN A 34 7.93 1.90 3.96
CA ASN A 34 9.10 1.13 4.34
C ASN A 34 9.25 -0.14 3.51
N CYS A 35 8.13 -0.73 3.11
CA CYS A 35 8.16 -1.97 2.33
C CYS A 35 8.43 -1.71 0.84
N PHE A 36 7.79 -0.68 0.29
CA PHE A 36 7.96 -0.37 -1.13
C PHE A 36 8.68 0.96 -1.35
N ARG A 37 9.26 1.52 -0.28
CA ARG A 37 9.97 2.79 -0.39
C ARG A 37 9.07 3.88 -0.98
N MET A 38 7.75 3.69 -0.83
CA MET A 38 6.79 4.66 -1.34
C MET A 38 6.76 5.91 -0.46
N THR A 39 7.60 6.89 -0.79
CA THR A 39 7.67 8.12 -0.02
C THR A 39 7.06 9.29 -0.79
N ASP A 40 6.42 9.00 -1.92
CA ASP A 40 5.79 10.03 -2.73
C ASP A 40 4.38 10.33 -2.24
N GLN A 41 4.08 11.61 -2.02
CA GLN A 41 2.77 12.00 -1.54
C GLN A 41 1.67 11.49 -2.46
N GLU A 42 1.97 11.44 -3.76
CA GLU A 42 1.01 10.94 -4.74
C GLU A 42 0.77 9.45 -4.56
N ALA A 43 1.86 8.71 -4.41
CA ALA A 43 1.77 7.26 -4.21
C ALA A 43 1.09 6.94 -2.89
N ILE A 44 1.38 7.74 -1.87
CA ILE A 44 0.79 7.56 -0.55
C ILE A 44 -0.71 7.80 -0.61
N GLN A 45 -1.11 8.87 -1.28
CA GLN A 45 -2.52 9.21 -1.42
C GLN A 45 -3.27 8.11 -2.18
N ASP A 46 -2.67 7.64 -3.27
CA ASP A 46 -3.27 6.59 -4.07
C ASP A 46 -3.30 5.27 -3.31
N LEU A 47 -2.20 4.96 -2.64
CA LEU A 47 -2.11 3.73 -1.86
C LEU A 47 -3.09 3.76 -0.70
N TRP A 48 -3.27 4.93 -0.10
CA TRP A 48 -4.19 5.08 1.01
C TRP A 48 -5.62 4.97 0.50
N GLN A 49 -5.89 5.60 -0.65
CA GLN A 49 -7.21 5.54 -1.25
C GLN A 49 -7.55 4.10 -1.58
N TRP A 50 -6.52 3.34 -1.97
CA TRP A 50 -6.69 1.94 -2.29
C TRP A 50 -7.03 1.15 -1.04
N ARG A 51 -6.33 1.44 0.05
CA ARG A 51 -6.58 0.77 1.32
C ARG A 51 -8.01 1.02 1.79
N LYS A 52 -8.49 2.24 1.57
CA LYS A 52 -9.84 2.62 1.98
C LYS A 52 -10.88 1.91 1.11
N SER A 53 -10.51 1.63 -0.14
CA SER A 53 -11.39 0.95 -1.06
C SER A 53 -11.13 -0.55 -1.04
N LEU A 54 -10.03 -0.94 -0.40
CA LEU A 54 -9.67 -2.35 -0.30
C LEU A 54 -10.75 -3.15 0.42
N GLY A 1 11.13 0.51 -14.16
CA GLY A 1 11.74 0.49 -12.80
C GLY A 1 10.70 0.41 -11.71
N GLY A 2 9.66 -0.38 -11.93
CA GLY A 2 8.60 -0.51 -10.94
C GLY A 2 7.49 0.49 -11.13
N SER A 3 6.41 0.34 -10.36
CA SER A 3 5.27 1.25 -10.46
C SER A 3 4.32 1.04 -9.29
N VAL A 4 3.37 1.95 -9.14
CA VAL A 4 2.38 1.86 -8.06
C VAL A 4 1.47 0.66 -8.26
N GLU A 5 1.13 0.40 -9.51
CA GLU A 5 0.26 -0.71 -9.86
C GLU A 5 0.84 -2.03 -9.36
N ASP A 6 2.16 -2.16 -9.45
CA ASP A 6 2.84 -3.36 -9.00
C ASP A 6 2.73 -3.51 -7.48
N ILE A 7 2.76 -2.38 -6.79
CA ILE A 7 2.66 -2.39 -5.33
C ILE A 7 1.25 -2.78 -4.89
N LYS A 8 0.24 -2.25 -5.57
CA LYS A 8 -1.15 -2.56 -5.25
C LYS A 8 -1.44 -4.03 -5.54
N ALA A 9 -0.98 -4.50 -6.69
CA ALA A 9 -1.20 -5.90 -7.08
C ALA A 9 -0.49 -6.84 -6.12
N LYS A 10 0.75 -6.51 -5.76
CA LYS A 10 1.53 -7.34 -4.85
C LYS A 10 0.85 -7.42 -3.48
N MET A 11 0.44 -6.26 -2.96
CA MET A 11 -0.22 -6.21 -1.67
C MET A 11 -1.51 -7.03 -1.71
N GLN A 12 -2.25 -6.91 -2.81
CA GLN A 12 -3.49 -7.64 -2.98
C GLN A 12 -3.21 -9.14 -2.97
N ALA A 13 -2.11 -9.53 -3.60
CA ALA A 13 -1.72 -10.92 -3.65
C ALA A 13 -1.47 -11.45 -2.24
N SER A 14 -0.72 -10.68 -1.45
CA SER A 14 -0.43 -11.05 -0.07
C SER A 14 -1.72 -11.17 0.73
N ILE A 15 -2.65 -10.26 0.46
CA ILE A 15 -3.93 -10.25 1.14
C ILE A 15 -4.75 -11.47 0.74
N GLU A 16 -4.72 -11.78 -0.55
CA GLU A 16 -5.44 -12.92 -1.09
C GLU A 16 -4.81 -14.24 -0.61
N LYS A 17 -3.52 -14.19 -0.31
CA LYS A 17 -2.81 -15.37 0.14
C LYS A 17 -2.83 -15.50 1.66
N GLY A 18 -3.71 -14.72 2.31
CA GLY A 18 -3.81 -14.76 3.75
C GLY A 18 -3.12 -13.59 4.42
N GLY A 19 -3.18 -12.43 3.77
CA GLY A 19 -2.54 -11.25 4.32
C GLY A 19 -3.55 -10.24 4.85
N SER A 20 -3.07 -9.06 5.22
CA SER A 20 -3.94 -8.01 5.74
C SER A 20 -3.22 -6.66 5.72
N LEU A 21 -3.95 -5.61 5.36
CA LEU A 21 -3.39 -4.27 5.30
C LEU A 21 -3.89 -3.42 6.48
N PRO A 22 -3.04 -2.51 6.99
CA PRO A 22 -3.40 -1.65 8.11
C PRO A 22 -4.69 -0.88 7.85
N LYS A 23 -5.16 -0.15 8.85
CA LYS A 23 -6.39 0.63 8.74
C LYS A 23 -6.15 2.11 9.06
N VAL A 24 -4.96 2.43 9.55
CA VAL A 24 -4.62 3.80 9.89
C VAL A 24 -3.69 4.40 8.84
N GLU A 25 -3.85 5.69 8.59
CA GLU A 25 -3.03 6.38 7.59
C GLU A 25 -1.54 6.25 7.91
N ALA A 26 -1.18 6.49 9.17
CA ALA A 26 0.21 6.41 9.59
C ALA A 26 0.75 4.99 9.56
N LYS A 27 -0.09 4.02 9.93
CA LYS A 27 0.32 2.62 9.93
C LYS A 27 0.40 2.11 8.50
N PHE A 28 -0.50 2.61 7.67
CA PHE A 28 -0.53 2.22 6.27
C PHE A 28 0.68 2.78 5.55
N ILE A 29 0.93 4.07 5.77
CA ILE A 29 2.08 4.75 5.17
C ILE A 29 3.37 4.07 5.62
N ASN A 30 3.44 3.73 6.91
CA ASN A 30 4.62 3.08 7.45
C ASN A 30 4.83 1.71 6.83
N TYR A 31 3.75 0.96 6.63
CA TYR A 31 3.83 -0.37 6.04
C TYR A 31 4.24 -0.31 4.57
N VAL A 32 3.55 0.52 3.79
CA VAL A 32 3.86 0.65 2.36
C VAL A 32 5.22 1.30 2.15
N LYS A 33 5.48 2.37 2.90
CA LYS A 33 6.75 3.09 2.79
C LYS A 33 7.93 2.20 3.17
N ASN A 34 7.73 1.31 4.11
CA ASN A 34 8.80 0.43 4.56
C ASN A 34 9.03 -0.73 3.58
N CYS A 35 7.93 -1.29 3.09
CA CYS A 35 8.01 -2.42 2.16
C CYS A 35 8.29 -2.00 0.72
N PHE A 36 7.65 -0.93 0.26
CA PHE A 36 7.83 -0.47 -1.12
C PHE A 36 8.57 0.86 -1.22
N ARG A 37 8.87 1.48 -0.10
CA ARG A 37 9.57 2.76 -0.11
C ARG A 37 8.74 3.84 -0.80
N MET A 38 7.42 3.68 -0.78
CA MET A 38 6.52 4.65 -1.40
C MET A 38 6.52 5.97 -0.62
N THR A 39 7.61 6.71 -0.74
CA THR A 39 7.74 7.99 -0.02
C THR A 39 7.16 9.14 -0.83
N ASP A 40 6.50 8.82 -1.95
CA ASP A 40 5.89 9.85 -2.79
C ASP A 40 4.50 10.21 -2.29
N GLN A 41 4.27 11.49 -2.05
CA GLN A 41 2.97 11.96 -1.55
C GLN A 41 1.85 11.51 -2.48
N GLU A 42 2.13 11.44 -3.78
CA GLU A 42 1.15 11.02 -4.76
C GLU A 42 0.84 9.53 -4.60
N ALA A 43 1.89 8.73 -4.46
CA ALA A 43 1.74 7.29 -4.29
C ALA A 43 1.08 6.98 -2.95
N ILE A 44 1.43 7.75 -1.93
CA ILE A 44 0.86 7.57 -0.61
C ILE A 44 -0.63 7.90 -0.62
N GLN A 45 -0.99 9.00 -1.27
CA GLN A 45 -2.38 9.43 -1.36
C GLN A 45 -3.19 8.38 -2.11
N ASP A 46 -2.64 7.90 -3.21
CA ASP A 46 -3.31 6.89 -4.03
C ASP A 46 -3.40 5.57 -3.28
N LEU A 47 -2.30 5.17 -2.65
CA LEU A 47 -2.24 3.92 -1.90
C LEU A 47 -3.19 3.99 -0.71
N TRP A 48 -3.28 5.15 -0.09
CA TRP A 48 -4.15 5.35 1.06
C TRP A 48 -5.60 5.31 0.59
N GLN A 49 -5.87 5.99 -0.52
CA GLN A 49 -7.21 6.01 -1.08
C GLN A 49 -7.65 4.60 -1.43
N TRP A 50 -6.67 3.79 -1.86
CA TRP A 50 -6.93 2.40 -2.21
C TRP A 50 -7.28 1.61 -0.96
N ARG A 51 -6.53 1.85 0.12
CA ARG A 51 -6.77 1.16 1.38
C ARG A 51 -8.17 1.45 1.91
N LYS A 52 -8.56 2.73 1.81
CA LYS A 52 -9.88 3.15 2.28
C LYS A 52 -10.98 2.61 1.37
N SER A 53 -10.64 2.44 0.10
CA SER A 53 -11.58 1.90 -0.88
C SER A 53 -11.48 0.38 -0.92
N LEU A 54 -10.45 -0.17 -0.29
CA LEU A 54 -10.25 -1.61 -0.25
C LEU A 54 -11.35 -2.29 0.55
N GLY A 1 12.62 -0.35 -11.85
CA GLY A 1 11.14 -0.38 -11.84
C GLY A 1 10.56 0.11 -10.53
N GLY A 2 9.40 -0.42 -10.15
CA GLY A 2 8.77 -0.02 -8.91
C GLY A 2 7.51 0.79 -9.14
N SER A 3 6.63 0.27 -9.99
CA SER A 3 5.38 0.97 -10.30
C SER A 3 4.38 0.81 -9.15
N VAL A 4 3.47 1.77 -9.04
CA VAL A 4 2.46 1.74 -7.99
C VAL A 4 1.48 0.60 -8.21
N GLU A 5 1.16 0.36 -9.48
CA GLU A 5 0.24 -0.71 -9.85
C GLU A 5 0.73 -2.06 -9.34
N ASP A 6 2.03 -2.29 -9.50
CA ASP A 6 2.64 -3.55 -9.05
C ASP A 6 2.55 -3.68 -7.54
N ILE A 7 2.66 -2.55 -6.84
CA ILE A 7 2.58 -2.53 -5.39
C ILE A 7 1.17 -2.88 -4.92
N LYS A 8 0.17 -2.31 -5.59
CA LYS A 8 -1.22 -2.57 -5.24
C LYS A 8 -1.58 -4.03 -5.49
N ALA A 9 -1.19 -4.53 -6.65
CA ALA A 9 -1.47 -5.91 -7.02
C ALA A 9 -0.75 -6.89 -6.09
N LYS A 10 0.49 -6.54 -5.72
CA LYS A 10 1.29 -7.38 -4.84
C LYS A 10 0.65 -7.46 -3.45
N MET A 11 0.27 -6.31 -2.91
CA MET A 11 -0.36 -6.25 -1.60
C MET A 11 -1.67 -7.01 -1.60
N GLN A 12 -2.44 -6.85 -2.68
CA GLN A 12 -3.71 -7.54 -2.82
C GLN A 12 -3.49 -9.05 -2.88
N ALA A 13 -2.43 -9.44 -3.57
CA ALA A 13 -2.11 -10.85 -3.71
C ALA A 13 -1.80 -11.47 -2.35
N SER A 14 -0.97 -10.77 -1.57
CA SER A 14 -0.60 -11.23 -0.24
C SER A 14 -1.84 -11.30 0.64
N ILE A 15 -2.74 -10.33 0.47
CA ILE A 15 -3.97 -10.28 1.24
C ILE A 15 -4.85 -11.49 0.92
N GLU A 16 -4.94 -11.81 -0.37
CA GLU A 16 -5.74 -12.95 -0.81
C GLU A 16 -5.11 -14.26 -0.38
N LYS A 17 -3.77 -14.28 -0.30
CA LYS A 17 -3.05 -15.47 0.12
C LYS A 17 -2.81 -15.49 1.63
N GLY A 18 -3.52 -14.63 2.35
CA GLY A 18 -3.37 -14.57 3.79
C GLY A 18 -2.58 -13.35 4.25
N GLY A 19 -3.23 -12.18 4.18
CA GLY A 19 -2.58 -10.95 4.59
C GLY A 19 -3.56 -9.92 5.11
N SER A 20 -3.06 -8.72 5.37
CA SER A 20 -3.89 -7.63 5.88
C SER A 20 -3.16 -6.29 5.80
N LEU A 21 -3.90 -5.23 5.56
CA LEU A 21 -3.32 -3.89 5.46
C LEU A 21 -3.75 -3.02 6.64
N PRO A 22 -2.82 -2.23 7.20
CA PRO A 22 -3.11 -1.34 8.33
C PRO A 22 -4.29 -0.42 8.05
N LYS A 23 -5.19 -0.30 9.02
CA LYS A 23 -6.36 0.55 8.87
C LYS A 23 -6.06 2.00 9.26
N VAL A 24 -4.87 2.22 9.84
CA VAL A 24 -4.47 3.56 10.24
C VAL A 24 -3.55 4.18 9.19
N GLU A 25 -3.95 5.33 8.67
CA GLU A 25 -3.16 6.03 7.64
C GLU A 25 -1.67 5.97 7.92
N ALA A 26 -1.28 6.24 9.17
CA ALA A 26 0.14 6.23 9.54
C ALA A 26 0.73 4.83 9.47
N LYS A 27 -0.04 3.83 9.87
CA LYS A 27 0.45 2.45 9.85
C LYS A 27 0.50 1.94 8.42
N PHE A 28 -0.45 2.39 7.62
CA PHE A 28 -0.50 2.01 6.22
C PHE A 28 0.67 2.63 5.46
N ILE A 29 0.85 3.93 5.67
CA ILE A 29 1.94 4.65 5.04
C ILE A 29 3.28 4.06 5.44
N ASN A 30 3.40 3.70 6.72
CA ASN A 30 4.62 3.12 7.23
C ASN A 30 4.89 1.76 6.58
N TYR A 31 3.82 0.97 6.41
CA TYR A 31 3.95 -0.35 5.81
C TYR A 31 4.31 -0.25 4.32
N VAL A 32 3.55 0.55 3.58
CA VAL A 32 3.80 0.72 2.15
C VAL A 32 5.13 1.44 1.91
N LYS A 33 5.37 2.50 2.66
CA LYS A 33 6.59 3.28 2.52
C LYS A 33 7.82 2.48 2.92
N ASN A 34 7.65 1.62 3.92
CA ASN A 34 8.77 0.81 4.41
C ASN A 34 9.03 -0.39 3.48
N CYS A 35 7.96 -1.02 3.00
CA CYS A 35 8.09 -2.18 2.14
C CYS A 35 8.38 -1.81 0.68
N PHE A 36 7.72 -0.79 0.18
CA PHE A 36 7.91 -0.37 -1.22
C PHE A 36 8.59 0.98 -1.34
N ARG A 37 9.16 1.49 -0.25
CA ARG A 37 9.84 2.77 -0.27
C ARG A 37 8.94 3.88 -0.80
N MET A 38 7.63 3.67 -0.71
CA MET A 38 6.66 4.66 -1.20
C MET A 38 6.67 5.90 -0.30
N THR A 39 7.58 6.82 -0.58
CA THR A 39 7.69 8.05 0.19
C THR A 39 7.11 9.25 -0.55
N ASP A 40 6.48 9.00 -1.69
CA ASP A 40 5.88 10.06 -2.49
C ASP A 40 4.47 10.36 -2.01
N GLN A 41 4.17 11.64 -1.79
CA GLN A 41 2.85 12.05 -1.31
C GLN A 41 1.76 11.58 -2.28
N GLU A 42 2.07 11.56 -3.57
CA GLU A 42 1.11 11.12 -4.57
C GLU A 42 0.85 9.63 -4.44
N ALA A 43 1.91 8.85 -4.31
CA ALA A 43 1.80 7.41 -4.17
C ALA A 43 1.16 7.05 -2.83
N ILE A 44 1.49 7.82 -1.80
CA ILE A 44 0.94 7.61 -0.47
C ILE A 44 -0.54 7.91 -0.46
N GLN A 45 -0.92 9.03 -1.07
CA GLN A 45 -2.32 9.42 -1.14
C GLN A 45 -3.12 8.42 -1.95
N ASP A 46 -2.54 7.95 -3.05
CA ASP A 46 -3.19 6.98 -3.91
C ASP A 46 -3.27 5.63 -3.23
N LEU A 47 -2.18 5.23 -2.58
CA LEU A 47 -2.14 3.95 -1.88
C LEU A 47 -3.12 3.95 -0.72
N TRP A 48 -3.24 5.10 -0.06
CA TRP A 48 -4.16 5.23 1.06
C TRP A 48 -5.59 5.19 0.57
N GLN A 49 -5.85 5.89 -0.53
CA GLN A 49 -7.18 5.90 -1.12
C GLN A 49 -7.54 4.49 -1.58
N TRP A 50 -6.52 3.75 -2.00
CA TRP A 50 -6.71 2.38 -2.45
C TRP A 50 -7.10 1.50 -1.27
N ARG A 51 -6.42 1.68 -0.14
CA ARG A 51 -6.71 0.90 1.06
C ARG A 51 -8.12 1.20 1.57
N LYS A 52 -8.51 2.47 1.51
CA LYS A 52 -9.82 2.89 1.96
C LYS A 52 -10.91 2.38 1.03
N SER A 53 -10.57 2.22 -0.24
CA SER A 53 -11.50 1.71 -1.23
C SER A 53 -11.34 0.21 -1.40
N LEU A 54 -10.28 -0.34 -0.81
CA LEU A 54 -10.01 -1.77 -0.90
C LEU A 54 -11.18 -2.57 -0.34
N GLY A 1 9.18 -0.83 -12.83
CA GLY A 1 9.96 0.40 -12.55
C GLY A 1 9.50 1.12 -11.29
N GLY A 2 8.92 0.36 -10.37
CA GLY A 2 8.43 0.95 -9.13
C GLY A 2 7.16 1.75 -9.33
N SER A 3 6.10 1.07 -9.77
CA SER A 3 4.82 1.72 -10.01
C SER A 3 3.79 1.28 -8.96
N VAL A 4 2.72 2.06 -8.84
CA VAL A 4 1.66 1.75 -7.89
C VAL A 4 0.92 0.47 -8.28
N GLU A 5 0.79 0.24 -9.58
CA GLU A 5 0.12 -0.95 -10.09
C GLU A 5 0.79 -2.21 -9.57
N ASP A 6 2.12 -2.23 -9.60
CA ASP A 6 2.88 -3.37 -9.12
C ASP A 6 2.75 -3.51 -7.61
N ILE A 7 2.68 -2.37 -6.93
CA ILE A 7 2.54 -2.36 -5.48
C ILE A 7 1.16 -2.84 -5.07
N LYS A 8 0.16 -2.46 -5.86
CA LYS A 8 -1.22 -2.86 -5.58
C LYS A 8 -1.38 -4.37 -5.80
N ALA A 9 -0.84 -4.87 -6.90
CA ALA A 9 -0.93 -6.29 -7.22
C ALA A 9 -0.18 -7.13 -6.20
N LYS A 10 1.01 -6.67 -5.81
CA LYS A 10 1.82 -7.38 -4.84
C LYS A 10 1.11 -7.43 -3.48
N MET A 11 0.61 -6.28 -3.05
CA MET A 11 -0.10 -6.20 -1.78
C MET A 11 -1.35 -7.06 -1.82
N GLN A 12 -2.06 -7.01 -2.95
CA GLN A 12 -3.27 -7.81 -3.12
C GLN A 12 -2.94 -9.28 -2.96
N ALA A 13 -1.84 -9.71 -3.55
CA ALA A 13 -1.39 -11.10 -3.45
C ALA A 13 -1.14 -11.44 -1.99
N SER A 14 -0.47 -10.53 -1.28
CA SER A 14 -0.16 -10.73 0.12
C SER A 14 -1.45 -10.77 0.94
N ILE A 15 -2.41 -9.94 0.57
CA ILE A 15 -3.69 -9.89 1.26
C ILE A 15 -4.43 -11.21 1.09
N GLU A 16 -4.40 -11.74 -0.11
CA GLU A 16 -5.06 -13.01 -0.42
C GLU A 16 -4.32 -14.17 0.26
N LYS A 17 -3.01 -14.03 0.39
CA LYS A 17 -2.20 -15.07 1.01
C LYS A 17 -1.87 -14.71 2.47
N GLY A 18 -2.58 -13.73 3.01
CA GLY A 18 -2.34 -13.32 4.38
C GLY A 18 -3.60 -12.79 5.06
N GLY A 19 -3.99 -11.57 4.70
CA GLY A 19 -5.18 -10.98 5.29
C GLY A 19 -5.32 -9.51 4.95
N SER A 20 -6.23 -8.83 5.63
CA SER A 20 -6.47 -7.41 5.41
C SER A 20 -5.20 -6.60 5.67
N LEU A 21 -5.17 -5.37 5.19
CA LEU A 21 -4.02 -4.49 5.37
C LEU A 21 -4.27 -3.50 6.50
N PRO A 22 -3.20 -2.82 6.97
CA PRO A 22 -3.31 -1.84 8.06
C PRO A 22 -4.39 -0.79 7.79
N LYS A 23 -5.38 -0.74 8.67
CA LYS A 23 -6.47 0.22 8.54
C LYS A 23 -6.05 1.61 9.01
N VAL A 24 -4.93 1.68 9.73
CA VAL A 24 -4.43 2.95 10.22
C VAL A 24 -3.53 3.63 9.19
N GLU A 25 -3.96 4.80 8.73
CA GLU A 25 -3.20 5.55 7.72
C GLU A 25 -1.70 5.56 8.03
N ALA A 26 -1.35 5.81 9.28
CA ALA A 26 0.06 5.86 9.67
C ALA A 26 0.72 4.49 9.54
N LYS A 27 -0.02 3.45 9.88
CA LYS A 27 0.50 2.09 9.78
C LYS A 27 0.60 1.67 8.33
N PHE A 28 -0.33 2.16 7.52
CA PHE A 28 -0.34 1.88 6.10
C PHE A 28 0.82 2.59 5.43
N ILE A 29 0.99 3.87 5.76
CA ILE A 29 2.07 4.66 5.19
C ILE A 29 3.42 4.04 5.54
N ASN A 30 3.55 3.58 6.79
CA ASN A 30 4.80 2.96 7.24
C ASN A 30 5.04 1.64 6.53
N TYR A 31 3.97 0.85 6.35
CA TYR A 31 4.08 -0.45 5.69
C TYR A 31 4.39 -0.30 4.20
N VAL A 32 3.60 0.52 3.50
CA VAL A 32 3.80 0.73 2.07
C VAL A 32 5.11 1.46 1.79
N LYS A 33 5.36 2.50 2.55
CA LYS A 33 6.57 3.31 2.38
C LYS A 33 7.84 2.48 2.62
N ASN A 34 7.83 1.68 3.68
CA ASN A 34 9.00 0.86 4.01
C ASN A 34 9.10 -0.38 3.13
N CYS A 35 7.96 -0.93 2.73
CA CYS A 35 7.95 -2.13 1.90
C CYS A 35 8.19 -1.82 0.42
N PHE A 36 7.57 -0.76 -0.09
CA PHE A 36 7.71 -0.39 -1.50
C PHE A 36 8.46 0.92 -1.69
N ARG A 37 9.09 1.42 -0.62
CA ARG A 37 9.84 2.68 -0.70
C ARG A 37 8.96 3.80 -1.23
N MET A 38 7.65 3.66 -1.07
CA MET A 38 6.70 4.68 -1.54
C MET A 38 6.69 5.87 -0.59
N THR A 39 7.72 6.72 -0.70
CA THR A 39 7.84 7.90 0.15
C THR A 39 7.26 9.14 -0.54
N ASP A 40 6.62 8.95 -1.68
CA ASP A 40 6.02 10.06 -2.42
C ASP A 40 4.61 10.35 -1.91
N GLN A 41 4.35 11.61 -1.59
CA GLN A 41 3.04 12.01 -1.08
C GLN A 41 1.93 11.62 -2.05
N GLU A 42 2.23 11.67 -3.35
CA GLU A 42 1.26 11.32 -4.37
C GLU A 42 0.96 9.82 -4.33
N ALA A 43 2.02 9.02 -4.25
CA ALA A 43 1.89 7.57 -4.20
C ALA A 43 1.22 7.14 -2.90
N ILE A 44 1.59 7.81 -1.81
CA ILE A 44 1.02 7.52 -0.50
C ILE A 44 -0.47 7.85 -0.48
N GLN A 45 -0.81 9.01 -1.02
CA GLN A 45 -2.19 9.46 -1.07
C GLN A 45 -3.03 8.49 -1.89
N ASP A 46 -2.51 8.09 -3.05
CA ASP A 46 -3.21 7.17 -3.93
C ASP A 46 -3.29 5.78 -3.30
N LEU A 47 -2.17 5.33 -2.71
CA LEU A 47 -2.13 4.02 -2.07
C LEU A 47 -3.06 4.00 -0.87
N TRP A 48 -3.13 5.11 -0.15
CA TRP A 48 -3.98 5.21 1.02
C TRP A 48 -5.44 5.23 0.58
N GLN A 49 -5.72 5.99 -0.48
CA GLN A 49 -7.06 6.08 -1.03
C GLN A 49 -7.50 4.70 -1.49
N TRP A 50 -6.55 3.91 -1.98
CA TRP A 50 -6.82 2.57 -2.44
C TRP A 50 -7.18 1.68 -1.26
N ARG A 51 -6.42 1.80 -0.16
CA ARG A 51 -6.68 1.02 1.03
C ARG A 51 -8.04 1.35 1.61
N LYS A 52 -8.44 2.61 1.51
CA LYS A 52 -9.72 3.07 2.02
C LYS A 52 -10.86 2.52 1.18
N SER A 53 -10.58 2.31 -0.10
CA SER A 53 -11.58 1.78 -1.02
C SER A 53 -11.41 0.26 -1.16
N LEU A 54 -10.29 -0.27 -0.66
CA LEU A 54 -10.02 -1.70 -0.73
C LEU A 54 -11.01 -2.48 0.13
N GLY A 1 12.50 -2.21 -9.37
CA GLY A 1 11.68 -1.04 -8.98
C GLY A 1 10.19 -1.34 -9.00
N GLY A 2 9.52 -0.96 -10.08
CA GLY A 2 8.10 -1.20 -10.18
C GLY A 2 7.27 0.04 -9.91
N SER A 3 6.17 0.19 -10.64
CA SER A 3 5.29 1.35 -10.46
C SER A 3 4.31 1.12 -9.32
N VAL A 4 3.33 2.02 -9.19
CA VAL A 4 2.34 1.91 -8.13
C VAL A 4 1.44 0.68 -8.36
N GLU A 5 1.14 0.42 -9.63
CA GLU A 5 0.29 -0.70 -10.00
C GLU A 5 0.88 -2.00 -9.48
N ASP A 6 2.21 -2.14 -9.61
CA ASP A 6 2.90 -3.34 -9.14
C ASP A 6 2.75 -3.48 -7.62
N ILE A 7 2.73 -2.34 -6.94
CA ILE A 7 2.59 -2.33 -5.48
C ILE A 7 1.19 -2.79 -5.08
N LYS A 8 0.18 -2.31 -5.80
CA LYS A 8 -1.20 -2.67 -5.51
C LYS A 8 -1.43 -4.16 -5.75
N ALA A 9 -0.90 -4.66 -6.86
CA ALA A 9 -1.05 -6.06 -7.22
C ALA A 9 -0.32 -6.97 -6.23
N LYS A 10 0.90 -6.57 -5.86
CA LYS A 10 1.69 -7.36 -4.91
C LYS A 10 0.99 -7.43 -3.56
N MET A 11 0.54 -6.28 -3.08
CA MET A 11 -0.16 -6.22 -1.80
C MET A 11 -1.44 -7.04 -1.85
N GLN A 12 -2.16 -6.95 -2.97
CA GLN A 12 -3.39 -7.71 -3.15
C GLN A 12 -3.11 -9.19 -3.01
N ALA A 13 -2.05 -9.66 -3.68
CA ALA A 13 -1.66 -11.05 -3.59
C ALA A 13 -1.38 -11.42 -2.14
N SER A 14 -0.68 -10.52 -1.46
CA SER A 14 -0.35 -10.73 -0.05
C SER A 14 -1.63 -10.77 0.78
N ILE A 15 -2.61 -9.96 0.38
CA ILE A 15 -3.89 -9.91 1.07
C ILE A 15 -4.61 -11.25 0.96
N GLU A 16 -4.57 -11.82 -0.23
CA GLU A 16 -5.20 -13.12 -0.47
C GLU A 16 -4.47 -14.23 0.26
N LYS A 17 -3.14 -14.09 0.34
CA LYS A 17 -2.31 -15.09 1.00
C LYS A 17 -1.93 -14.64 2.41
N GLY A 18 -2.61 -13.62 2.92
CA GLY A 18 -2.31 -13.13 4.25
C GLY A 18 -3.53 -12.50 4.93
N GLY A 19 -3.88 -11.30 4.50
CA GLY A 19 -5.02 -10.61 5.08
C GLY A 19 -5.07 -9.15 4.70
N SER A 20 -6.11 -8.45 5.17
CA SER A 20 -6.28 -7.04 4.87
C SER A 20 -5.04 -6.23 5.28
N LEU A 21 -4.98 -5.00 4.81
CA LEU A 21 -3.84 -4.12 5.11
C LEU A 21 -4.15 -3.24 6.32
N PRO A 22 -3.11 -2.61 6.89
CA PRO A 22 -3.28 -1.73 8.07
C PRO A 22 -4.36 -0.68 7.87
N LYS A 23 -5.45 -0.82 8.61
CA LYS A 23 -6.56 0.12 8.51
C LYS A 23 -6.15 1.52 8.99
N VAL A 24 -5.10 1.57 9.80
CA VAL A 24 -4.61 2.86 10.30
C VAL A 24 -3.67 3.51 9.31
N GLU A 25 -4.03 4.72 8.86
CA GLU A 25 -3.24 5.46 7.89
C GLU A 25 -1.75 5.42 8.24
N ALA A 26 -1.42 5.66 9.50
CA ALA A 26 -0.04 5.66 9.94
C ALA A 26 0.58 4.27 9.79
N LYS A 27 -0.20 3.24 10.07
CA LYS A 27 0.27 1.87 9.95
C LYS A 27 0.43 1.51 8.49
N PHE A 28 -0.46 2.06 7.66
CA PHE A 28 -0.42 1.83 6.23
C PHE A 28 0.80 2.51 5.63
N ILE A 29 0.99 3.77 5.97
CA ILE A 29 2.13 4.53 5.48
C ILE A 29 3.43 3.86 5.89
N ASN A 30 3.48 3.37 7.13
CA ASN A 30 4.68 2.72 7.64
C ASN A 30 4.93 1.38 6.92
N TYR A 31 3.87 0.62 6.66
CA TYR A 31 4.01 -0.67 6.00
C TYR A 31 4.42 -0.52 4.54
N VAL A 32 3.69 0.30 3.79
CA VAL A 32 3.99 0.52 2.38
C VAL A 32 5.33 1.24 2.19
N LYS A 33 5.54 2.29 2.97
CA LYS A 33 6.76 3.07 2.88
C LYS A 33 8.00 2.22 3.17
N ASN A 34 7.87 1.25 4.06
CA ASN A 34 8.99 0.40 4.41
C ASN A 34 9.24 -0.67 3.35
N CYS A 35 8.16 -1.31 2.89
CA CYS A 35 8.27 -2.37 1.90
C CYS A 35 8.42 -1.84 0.47
N PHE A 36 7.73 -0.74 0.15
CA PHE A 36 7.79 -0.19 -1.20
C PHE A 36 8.50 1.16 -1.28
N ARG A 37 8.88 1.71 -0.13
CA ARG A 37 9.59 2.99 -0.10
C ARG A 37 8.75 4.11 -0.72
N MET A 38 7.43 4.02 -0.57
CA MET A 38 6.53 5.04 -1.12
C MET A 38 6.91 6.42 -0.59
N THR A 39 7.74 7.14 -1.34
CA THR A 39 8.19 8.47 -0.94
C THR A 39 7.43 9.57 -1.69
N ASP A 40 6.65 9.20 -2.71
CA ASP A 40 5.88 10.17 -3.48
C ASP A 40 4.55 10.45 -2.81
N GLN A 41 4.32 11.71 -2.46
CA GLN A 41 3.07 12.12 -1.82
C GLN A 41 1.86 11.66 -2.62
N GLU A 42 2.00 11.64 -3.94
CA GLU A 42 0.92 11.20 -4.81
C GLU A 42 0.69 9.71 -4.65
N ALA A 43 1.77 8.95 -4.56
CA ALA A 43 1.70 7.51 -4.38
C ALA A 43 1.13 7.18 -3.01
N ILE A 44 1.53 7.97 -2.01
CA ILE A 44 1.06 7.77 -0.65
C ILE A 44 -0.45 8.01 -0.56
N GLN A 45 -0.89 9.09 -1.18
CA GLN A 45 -2.31 9.45 -1.18
C GLN A 45 -3.11 8.41 -1.97
N ASP A 46 -2.56 7.96 -3.08
CA ASP A 46 -3.22 6.96 -3.92
C ASP A 46 -3.28 5.62 -3.21
N LEU A 47 -2.16 5.21 -2.61
CA LEU A 47 -2.10 3.93 -1.90
C LEU A 47 -3.03 3.93 -0.70
N TRP A 48 -3.11 5.09 -0.04
CA TRP A 48 -3.99 5.22 1.13
C TRP A 48 -5.44 5.20 0.68
N GLN A 49 -5.73 5.90 -0.41
CA GLN A 49 -7.08 5.94 -0.95
C GLN A 49 -7.50 4.54 -1.35
N TRP A 50 -6.55 3.75 -1.84
CA TRP A 50 -6.80 2.39 -2.25
C TRP A 50 -7.14 1.55 -1.02
N ARG A 51 -6.36 1.74 0.05
CA ARG A 51 -6.60 1.02 1.30
C ARG A 51 -7.96 1.38 1.87
N LYS A 52 -8.36 2.63 1.66
CA LYS A 52 -9.64 3.12 2.16
C LYS A 52 -10.79 2.48 1.39
N SER A 53 -10.53 2.15 0.13
CA SER A 53 -11.52 1.50 -0.71
C SER A 53 -11.32 -0.01 -0.71
N LEU A 54 -10.23 -0.45 -0.10
CA LEU A 54 -9.92 -1.89 -0.02
C LEU A 54 -11.12 -2.68 0.47
N GLY A 1 10.35 2.25 -11.47
CA GLY A 1 10.97 1.98 -10.13
C GLY A 1 10.15 2.56 -8.99
N GLY A 2 8.92 2.07 -8.84
CA GLY A 2 8.06 2.56 -7.78
C GLY A 2 6.64 2.82 -8.25
N SER A 3 6.10 1.88 -9.02
CA SER A 3 4.74 2.01 -9.54
C SER A 3 3.72 1.46 -8.54
N VAL A 4 2.59 2.14 -8.43
CA VAL A 4 1.53 1.73 -7.52
C VAL A 4 0.91 0.41 -7.97
N GLU A 5 0.94 0.16 -9.27
CA GLU A 5 0.37 -1.06 -9.84
C GLU A 5 1.07 -2.29 -9.26
N ASP A 6 2.40 -2.22 -9.17
CA ASP A 6 3.18 -3.32 -8.62
C ASP A 6 2.95 -3.45 -7.12
N ILE A 7 2.84 -2.31 -6.44
CA ILE A 7 2.60 -2.29 -5.01
C ILE A 7 1.24 -2.89 -4.68
N LYS A 8 0.24 -2.52 -5.47
CA LYS A 8 -1.11 -3.01 -5.27
C LYS A 8 -1.18 -4.49 -5.58
N ALA A 9 -0.51 -4.91 -6.65
CA ALA A 9 -0.49 -6.31 -7.04
C ALA A 9 0.15 -7.18 -5.97
N LYS A 10 1.25 -6.70 -5.39
CA LYS A 10 1.94 -7.45 -4.35
C LYS A 10 1.08 -7.52 -3.09
N MET A 11 0.54 -6.39 -2.68
CA MET A 11 -0.30 -6.34 -1.50
C MET A 11 -1.54 -7.18 -1.69
N GLN A 12 -2.13 -7.10 -2.88
CA GLN A 12 -3.31 -7.88 -3.20
C GLN A 12 -2.99 -9.37 -3.13
N ALA A 13 -1.81 -9.73 -3.63
CA ALA A 13 -1.36 -11.12 -3.59
C ALA A 13 -1.31 -11.60 -2.15
N SER A 14 -0.71 -10.79 -1.28
CA SER A 14 -0.61 -11.12 0.14
C SER A 14 -2.00 -11.26 0.74
N ILE A 15 -2.91 -10.40 0.30
CA ILE A 15 -4.29 -10.43 0.78
C ILE A 15 -4.97 -11.73 0.37
N GLU A 16 -4.74 -12.12 -0.88
CA GLU A 16 -5.33 -13.34 -1.41
C GLU A 16 -4.73 -14.56 -0.73
N LYS A 17 -3.47 -14.46 -0.34
CA LYS A 17 -2.77 -15.56 0.33
C LYS A 17 -2.89 -15.44 1.86
N GLY A 18 -3.79 -14.58 2.32
CA GLY A 18 -3.97 -14.40 3.75
C GLY A 18 -3.41 -13.07 4.24
N GLY A 19 -4.11 -11.99 3.94
CA GLY A 19 -3.66 -10.68 4.36
C GLY A 19 -4.79 -9.83 4.93
N SER A 20 -4.59 -8.52 4.94
CA SER A 20 -5.60 -7.60 5.46
C SER A 20 -5.13 -6.15 5.36
N LEU A 21 -3.84 -5.94 5.58
CA LEU A 21 -3.26 -4.59 5.51
C LEU A 21 -3.81 -3.71 6.64
N PRO A 22 -2.95 -2.87 7.24
CA PRO A 22 -3.36 -1.98 8.34
C PRO A 22 -4.55 -1.10 7.95
N LYS A 23 -5.19 -0.52 8.96
CA LYS A 23 -6.34 0.35 8.73
C LYS A 23 -6.01 1.81 9.09
N VAL A 24 -4.89 2.01 9.76
CA VAL A 24 -4.47 3.35 10.15
C VAL A 24 -3.63 3.99 9.05
N GLU A 25 -3.93 5.25 8.74
CA GLU A 25 -3.20 5.98 7.70
C GLU A 25 -1.70 5.97 7.98
N ALA A 26 -1.33 6.26 9.22
CA ALA A 26 0.08 6.29 9.60
C ALA A 26 0.73 4.91 9.54
N LYS A 27 -0.02 3.89 9.95
CA LYS A 27 0.47 2.53 9.93
C LYS A 27 0.57 2.03 8.49
N PHE A 28 -0.37 2.48 7.67
CA PHE A 28 -0.40 2.10 6.28
C PHE A 28 0.77 2.75 5.55
N ILE A 29 0.94 4.05 5.78
CA ILE A 29 2.03 4.78 5.16
C ILE A 29 3.37 4.18 5.56
N ASN A 30 3.49 3.80 6.82
CA ASN A 30 4.73 3.21 7.32
C ASN A 30 4.98 1.84 6.69
N TYR A 31 3.92 1.05 6.55
CA TYR A 31 4.05 -0.29 5.96
C TYR A 31 4.38 -0.21 4.46
N VAL A 32 3.61 0.56 3.72
CA VAL A 32 3.82 0.70 2.28
C VAL A 32 5.15 1.41 1.98
N LYS A 33 5.40 2.49 2.70
CA LYS A 33 6.63 3.26 2.50
C LYS A 33 7.88 2.45 2.80
N ASN A 34 7.80 1.58 3.80
CA ASN A 34 8.94 0.75 4.18
C ASN A 34 9.13 -0.43 3.23
N CYS A 35 8.02 -1.03 2.82
CA CYS A 35 8.06 -2.19 1.93
C CYS A 35 8.25 -1.80 0.46
N PHE A 36 7.60 -0.72 0.03
CA PHE A 36 7.70 -0.30 -1.37
C PHE A 36 8.46 1.01 -1.55
N ARG A 37 8.90 1.63 -0.46
CA ARG A 37 9.65 2.88 -0.55
C ARG A 37 8.82 3.98 -1.23
N MET A 38 7.51 3.95 -1.02
CA MET A 38 6.62 4.94 -1.61
C MET A 38 6.86 6.31 -0.97
N THR A 39 7.98 6.93 -1.31
CA THR A 39 8.33 8.25 -0.78
C THR A 39 7.59 9.37 -1.51
N ASP A 40 6.82 9.02 -2.53
CA ASP A 40 6.08 10.02 -3.29
C ASP A 40 4.73 10.31 -2.63
N GLN A 41 4.51 11.57 -2.28
CA GLN A 41 3.27 11.98 -1.63
C GLN A 41 2.05 11.55 -2.45
N GLU A 42 2.21 11.55 -3.77
CA GLU A 42 1.13 11.15 -4.66
C GLU A 42 0.85 9.65 -4.51
N ALA A 43 1.92 8.87 -4.37
CA ALA A 43 1.78 7.43 -4.21
C ALA A 43 1.15 7.11 -2.86
N ILE A 44 1.52 7.90 -1.85
CA ILE A 44 0.99 7.71 -0.50
C ILE A 44 -0.50 7.99 -0.48
N GLN A 45 -0.90 9.10 -1.11
CA GLN A 45 -2.30 9.49 -1.17
C GLN A 45 -3.11 8.47 -1.96
N ASP A 46 -2.53 8.00 -3.07
CA ASP A 46 -3.21 7.02 -3.92
C ASP A 46 -3.30 5.67 -3.21
N LEU A 47 -2.20 5.25 -2.60
CA LEU A 47 -2.18 3.97 -1.90
C LEU A 47 -3.12 4.01 -0.70
N TRP A 48 -3.20 5.15 -0.04
CA TRP A 48 -4.08 5.29 1.10
C TRP A 48 -5.53 5.28 0.64
N GLN A 49 -5.78 5.97 -0.48
CA GLN A 49 -7.11 6.01 -1.06
C GLN A 49 -7.54 4.60 -1.44
N TRP A 50 -6.58 3.79 -1.88
CA TRP A 50 -6.84 2.42 -2.25
C TRP A 50 -7.22 1.61 -1.02
N ARG A 51 -6.48 1.82 0.07
CA ARG A 51 -6.76 1.11 1.32
C ARG A 51 -8.14 1.47 1.84
N LYS A 52 -8.52 2.73 1.65
CA LYS A 52 -9.82 3.22 2.11
C LYS A 52 -10.94 2.62 1.28
N SER A 53 -10.63 2.33 0.02
CA SER A 53 -11.60 1.72 -0.89
C SER A 53 -11.46 0.21 -0.89
N LEU A 54 -10.35 -0.28 -0.34
CA LEU A 54 -10.10 -1.72 -0.28
C LEU A 54 -11.13 -2.42 0.59
N GLY A 1 9.48 -2.79 -5.17
CA GLY A 1 9.66 -1.37 -5.59
C GLY A 1 9.52 -1.19 -7.09
N GLY A 2 9.11 0.00 -7.50
CA GLY A 2 8.94 0.28 -8.92
C GLY A 2 7.77 1.20 -9.20
N SER A 3 6.57 0.64 -9.25
CA SER A 3 5.36 1.42 -9.51
C SER A 3 4.26 1.06 -8.53
N VAL A 4 3.28 1.96 -8.40
CA VAL A 4 2.16 1.74 -7.50
C VAL A 4 1.33 0.53 -7.95
N GLU A 5 1.25 0.33 -9.26
CA GLU A 5 0.50 -0.78 -9.81
C GLU A 5 1.06 -2.11 -9.31
N ASP A 6 2.40 -2.22 -9.31
CA ASP A 6 3.05 -3.43 -8.85
C ASP A 6 2.89 -3.59 -7.33
N ILE A 7 2.96 -2.47 -6.63
CA ILE A 7 2.79 -2.46 -5.18
C ILE A 7 1.38 -2.91 -4.81
N LYS A 8 0.40 -2.38 -5.52
CA LYS A 8 -0.99 -2.73 -5.27
C LYS A 8 -1.24 -4.20 -5.56
N ALA A 9 -0.75 -4.67 -6.70
CA ALA A 9 -0.90 -6.06 -7.10
C ALA A 9 -0.27 -7.00 -6.07
N LYS A 10 0.92 -6.64 -5.59
CA LYS A 10 1.61 -7.45 -4.60
C LYS A 10 0.83 -7.51 -3.30
N MET A 11 0.38 -6.35 -2.83
CA MET A 11 -0.38 -6.28 -1.58
C MET A 11 -1.71 -7.03 -1.73
N GLN A 12 -2.35 -6.87 -2.88
CA GLN A 12 -3.61 -7.55 -3.14
C GLN A 12 -3.41 -9.06 -3.14
N ALA A 13 -2.28 -9.50 -3.68
CA ALA A 13 -1.96 -10.92 -3.72
C ALA A 13 -1.78 -11.47 -2.32
N SER A 14 -1.00 -10.76 -1.51
CA SER A 14 -0.75 -11.18 -0.13
C SER A 14 -2.05 -11.20 0.66
N ILE A 15 -2.90 -10.20 0.40
CA ILE A 15 -4.20 -10.10 1.07
C ILE A 15 -5.13 -11.22 0.62
N GLU A 16 -5.13 -11.48 -0.67
CA GLU A 16 -5.96 -12.53 -1.25
C GLU A 16 -5.48 -13.90 -0.80
N LYS A 17 -4.18 -14.00 -0.51
CA LYS A 17 -3.59 -15.26 -0.08
C LYS A 17 -3.61 -15.39 1.45
N GLY A 18 -4.39 -14.53 2.11
CA GLY A 18 -4.47 -14.57 3.56
C GLY A 18 -3.67 -13.46 4.22
N GLY A 19 -3.73 -12.27 3.65
CA GLY A 19 -2.99 -11.14 4.21
C GLY A 19 -3.89 -10.14 4.89
N SER A 20 -3.31 -9.04 5.36
CA SER A 20 -4.07 -8.00 6.03
C SER A 20 -3.31 -6.68 6.02
N LEU A 21 -3.95 -5.64 5.51
CA LEU A 21 -3.34 -4.31 5.44
C LEU A 21 -3.81 -3.43 6.60
N PRO A 22 -2.92 -2.57 7.13
CA PRO A 22 -3.25 -1.68 8.24
C PRO A 22 -4.50 -0.86 7.97
N LYS A 23 -5.04 -0.25 9.01
CA LYS A 23 -6.24 0.57 8.89
C LYS A 23 -5.96 2.03 9.24
N VAL A 24 -4.81 2.28 9.88
CA VAL A 24 -4.43 3.63 10.25
C VAL A 24 -3.49 4.22 9.21
N GLU A 25 -3.80 5.43 8.75
CA GLU A 25 -2.98 6.10 7.74
C GLU A 25 -1.49 6.01 8.06
N ALA A 26 -1.13 6.27 9.31
CA ALA A 26 0.27 6.23 9.72
C ALA A 26 0.86 4.83 9.64
N LYS A 27 0.07 3.83 9.99
CA LYS A 27 0.53 2.45 9.93
C LYS A 27 0.60 1.97 8.49
N PHE A 28 -0.35 2.45 7.69
CA PHE A 28 -0.40 2.10 6.28
C PHE A 28 0.78 2.74 5.55
N ILE A 29 0.97 4.03 5.79
CA ILE A 29 2.06 4.76 5.17
C ILE A 29 3.40 4.17 5.60
N ASN A 30 3.50 3.80 6.87
CA ASN A 30 4.74 3.22 7.38
C ASN A 30 5.03 1.86 6.72
N TYR A 31 3.98 1.05 6.55
CA TYR A 31 4.15 -0.27 5.94
C TYR A 31 4.49 -0.15 4.45
N VAL A 32 3.70 0.61 3.71
CA VAL A 32 3.92 0.78 2.28
C VAL A 32 5.22 1.53 1.99
N LYS A 33 5.44 2.62 2.72
CA LYS A 33 6.63 3.45 2.54
C LYS A 33 7.91 2.68 2.84
N ASN A 34 7.91 1.89 3.89
CA ASN A 34 9.10 1.12 4.29
C ASN A 34 9.29 -0.12 3.40
N CYS A 35 8.18 -0.75 3.01
CA CYS A 35 8.26 -1.96 2.20
C CYS A 35 8.49 -1.65 0.71
N PHE A 36 7.80 -0.64 0.19
CA PHE A 36 7.93 -0.29 -1.23
C PHE A 36 8.61 1.07 -1.43
N ARG A 37 9.20 1.61 -0.38
CA ARG A 37 9.87 2.90 -0.46
C ARG A 37 8.93 3.98 -0.99
N MET A 38 7.63 3.76 -0.84
CA MET A 38 6.63 4.73 -1.30
C MET A 38 6.71 6.01 -0.49
N THR A 39 7.55 6.94 -0.94
CA THR A 39 7.71 8.21 -0.25
C THR A 39 7.10 9.37 -1.04
N ASP A 40 6.42 9.05 -2.14
CA ASP A 40 5.79 10.07 -2.97
C ASP A 40 4.39 10.39 -2.45
N GLN A 41 4.12 11.67 -2.23
CA GLN A 41 2.82 12.09 -1.72
C GLN A 41 1.69 11.58 -2.61
N GLU A 42 1.96 11.50 -3.91
CA GLU A 42 0.96 11.00 -4.85
C GLU A 42 0.72 9.51 -4.63
N ALA A 43 1.81 8.76 -4.49
CA ALA A 43 1.72 7.32 -4.27
C ALA A 43 1.08 7.03 -2.91
N ILE A 44 1.40 7.88 -1.94
CA ILE A 44 0.86 7.73 -0.59
C ILE A 44 -0.64 7.99 -0.59
N GLN A 45 -1.07 9.02 -1.30
CA GLN A 45 -2.48 9.37 -1.39
C GLN A 45 -3.24 8.30 -2.16
N ASP A 46 -2.63 7.79 -3.22
CA ASP A 46 -3.26 6.76 -4.04
C ASP A 46 -3.31 5.43 -3.29
N LEU A 47 -2.21 5.08 -2.64
CA LEU A 47 -2.14 3.84 -1.89
C LEU A 47 -3.12 3.87 -0.72
N TRP A 48 -3.24 5.04 -0.10
CA TRP A 48 -4.16 5.21 1.02
C TRP A 48 -5.59 5.13 0.51
N GLN A 49 -5.84 5.77 -0.63
CA GLN A 49 -7.17 5.75 -1.23
C GLN A 49 -7.55 4.32 -1.56
N TRP A 50 -6.55 3.53 -1.95
CA TRP A 50 -6.77 2.13 -2.28
C TRP A 50 -7.14 1.36 -1.02
N ARG A 51 -6.42 1.62 0.07
CA ARG A 51 -6.69 0.94 1.34
C ARG A 51 -8.09 1.25 1.83
N LYS A 52 -8.52 2.50 1.63
CA LYS A 52 -9.85 2.93 2.04
C LYS A 52 -10.92 2.29 1.18
N SER A 53 -10.57 2.02 -0.07
CA SER A 53 -11.49 1.39 -1.00
C SER A 53 -11.30 -0.12 -1.01
N LEU A 54 -10.23 -0.58 -0.37
CA LEU A 54 -9.94 -2.01 -0.30
C LEU A 54 -11.08 -2.77 0.38
N GLY A 1 12.84 3.20 -9.17
CA GLY A 1 12.01 2.87 -7.98
C GLY A 1 10.98 1.81 -8.27
N GLY A 2 9.71 2.22 -8.36
CA GLY A 2 8.65 1.26 -8.63
C GLY A 2 7.36 1.94 -9.06
N SER A 3 6.26 1.21 -8.99
CA SER A 3 4.96 1.75 -9.39
C SER A 3 3.87 1.29 -8.43
N VAL A 4 2.80 2.07 -8.33
CA VAL A 4 1.69 1.74 -7.45
C VAL A 4 0.96 0.50 -7.94
N GLU A 5 1.02 0.26 -9.25
CA GLU A 5 0.37 -0.90 -9.85
C GLU A 5 0.99 -2.19 -9.34
N ASP A 6 2.32 -2.21 -9.29
CA ASP A 6 3.04 -3.38 -8.81
C ASP A 6 2.85 -3.56 -7.31
N ILE A 7 2.90 -2.44 -6.58
CA ILE A 7 2.71 -2.46 -5.15
C ILE A 7 1.30 -2.91 -4.78
N LYS A 8 0.33 -2.39 -5.52
CA LYS A 8 -1.07 -2.74 -5.30
C LYS A 8 -1.31 -4.21 -5.59
N ALA A 9 -0.79 -4.68 -6.72
CA ALA A 9 -0.95 -6.07 -7.12
C ALA A 9 -0.31 -7.01 -6.09
N LYS A 10 0.87 -6.63 -5.60
CA LYS A 10 1.58 -7.45 -4.62
C LYS A 10 0.81 -7.53 -3.31
N MET A 11 0.34 -6.38 -2.83
CA MET A 11 -0.42 -6.34 -1.58
C MET A 11 -1.73 -7.10 -1.74
N GLN A 12 -2.37 -6.93 -2.89
CA GLN A 12 -3.62 -7.62 -3.17
C GLN A 12 -3.39 -9.13 -3.18
N ALA A 13 -2.25 -9.53 -3.74
CA ALA A 13 -1.90 -10.94 -3.80
C ALA A 13 -1.77 -11.51 -2.38
N SER A 14 -1.06 -10.77 -1.52
CA SER A 14 -0.87 -11.19 -0.15
C SER A 14 -2.22 -11.28 0.56
N ILE A 15 -3.12 -10.34 0.23
CA ILE A 15 -4.44 -10.31 0.82
C ILE A 15 -5.27 -11.50 0.35
N GLU A 16 -5.17 -11.79 -0.93
CA GLU A 16 -5.90 -12.90 -1.53
C GLU A 16 -5.34 -14.24 -1.04
N LYS A 17 -4.05 -14.27 -0.76
CA LYS A 17 -3.40 -15.49 -0.29
C LYS A 17 -3.36 -15.53 1.23
N GLY A 18 -4.15 -14.67 1.89
CA GLY A 18 -4.17 -14.64 3.34
C GLY A 18 -3.31 -13.53 3.90
N GLY A 19 -3.72 -12.29 3.70
CA GLY A 19 -2.96 -11.16 4.20
C GLY A 19 -3.85 -10.11 4.84
N SER A 20 -3.23 -9.08 5.42
CA SER A 20 -3.98 -8.01 6.07
C SER A 20 -3.12 -6.76 6.20
N LEU A 21 -3.67 -5.62 5.78
CA LEU A 21 -2.95 -4.36 5.85
C LEU A 21 -3.53 -3.45 6.94
N PRO A 22 -2.73 -2.55 7.50
CA PRO A 22 -3.17 -1.63 8.55
C PRO A 22 -4.40 -0.83 8.15
N LYS A 23 -4.98 -0.13 9.12
CA LYS A 23 -6.17 0.68 8.87
C LYS A 23 -5.92 2.16 9.17
N VAL A 24 -4.80 2.46 9.82
CA VAL A 24 -4.46 3.84 10.15
C VAL A 24 -3.54 4.42 9.07
N GLU A 25 -3.85 5.62 8.62
CA GLU A 25 -3.06 6.29 7.59
C GLU A 25 -1.56 6.25 7.89
N ALA A 26 -1.19 6.53 9.13
CA ALA A 26 0.23 6.54 9.51
C ALA A 26 0.83 5.13 9.48
N LYS A 27 0.07 4.13 9.91
CA LYS A 27 0.55 2.76 9.91
C LYS A 27 0.61 2.23 8.49
N PHE A 28 -0.34 2.66 7.67
CA PHE A 28 -0.39 2.25 6.28
C PHE A 28 0.79 2.86 5.53
N ILE A 29 0.98 4.16 5.71
CA ILE A 29 2.07 4.88 5.07
C ILE A 29 3.41 4.27 5.49
N ASN A 30 3.53 3.93 6.77
CA ASN A 30 4.76 3.34 7.27
C ASN A 30 5.01 1.96 6.65
N TYR A 31 3.96 1.16 6.52
CA TYR A 31 4.07 -0.17 5.94
C TYR A 31 4.40 -0.11 4.46
N VAL A 32 3.62 0.66 3.70
CA VAL A 32 3.85 0.79 2.26
C VAL A 32 5.16 1.51 1.96
N LYS A 33 5.39 2.61 2.68
CA LYS A 33 6.61 3.39 2.47
C LYS A 33 7.85 2.61 2.88
N ASN A 34 7.75 1.82 3.94
CA ASN A 34 8.87 1.04 4.42
C ASN A 34 9.10 -0.21 3.58
N CYS A 35 8.00 -0.83 3.14
CA CYS A 35 8.07 -2.05 2.34
C CYS A 35 8.38 -1.77 0.87
N PHE A 36 7.73 -0.75 0.30
CA PHE A 36 7.93 -0.41 -1.10
C PHE A 36 8.64 0.92 -1.29
N ARG A 37 9.23 1.46 -0.22
CA ARG A 37 9.94 2.72 -0.31
C ARG A 37 9.06 3.82 -0.92
N MET A 38 7.75 3.65 -0.81
CA MET A 38 6.80 4.62 -1.35
C MET A 38 6.72 5.85 -0.46
N THR A 39 7.60 6.82 -0.71
CA THR A 39 7.63 8.04 0.08
C THR A 39 7.08 9.23 -0.70
N ASP A 40 6.47 8.95 -1.85
CA ASP A 40 5.90 10.01 -2.69
C ASP A 40 4.48 10.34 -2.24
N GLN A 41 4.20 11.63 -2.07
CA GLN A 41 2.88 12.06 -1.64
C GLN A 41 1.80 11.54 -2.58
N GLU A 42 2.13 11.45 -3.86
CA GLU A 42 1.19 10.96 -4.86
C GLU A 42 0.92 9.48 -4.65
N ALA A 43 1.99 8.71 -4.45
CA ALA A 43 1.86 7.27 -4.23
C ALA A 43 1.17 7.00 -2.90
N ILE A 44 1.47 7.81 -1.90
CA ILE A 44 0.87 7.67 -0.59
C ILE A 44 -0.63 7.94 -0.64
N GLN A 45 -1.00 8.99 -1.37
CA GLN A 45 -2.40 9.36 -1.52
C GLN A 45 -3.17 8.29 -2.28
N ASP A 46 -2.55 7.78 -3.34
CA ASP A 46 -3.18 6.74 -4.16
C ASP A 46 -3.26 5.43 -3.38
N LEU A 47 -2.17 5.08 -2.71
CA LEU A 47 -2.13 3.85 -1.93
C LEU A 47 -3.11 3.91 -0.78
N TRP A 48 -3.23 5.09 -0.18
CA TRP A 48 -4.16 5.27 0.92
C TRP A 48 -5.59 5.21 0.41
N GLN A 49 -5.83 5.87 -0.73
CA GLN A 49 -7.14 5.86 -1.34
C GLN A 49 -7.56 4.43 -1.64
N TRP A 50 -6.58 3.62 -2.02
CA TRP A 50 -6.82 2.22 -2.33
C TRP A 50 -7.18 1.45 -1.06
N ARG A 51 -6.44 1.72 0.02
CA ARG A 51 -6.70 1.06 1.29
C ARG A 51 -8.11 1.39 1.79
N LYS A 52 -8.55 2.60 1.53
CA LYS A 52 -9.87 3.05 1.96
C LYS A 52 -10.95 2.29 1.19
N SER A 53 -10.63 1.91 -0.05
CA SER A 53 -11.56 1.17 -0.89
C SER A 53 -11.27 -0.33 -0.79
N LEU A 54 -10.12 -0.67 -0.22
CA LEU A 54 -9.74 -2.07 -0.07
C LEU A 54 -10.78 -2.85 0.74
N GLY A 1 6.94 -2.46 -6.39
CA GLY A 1 8.13 -2.87 -7.20
C GLY A 1 8.62 -1.74 -8.10
N GLY A 2 7.71 -0.89 -8.52
CA GLY A 2 8.07 0.22 -9.38
C GLY A 2 7.01 1.30 -9.43
N SER A 3 5.78 0.90 -9.69
CA SER A 3 4.66 1.84 -9.75
C SER A 3 3.54 1.44 -8.80
N VAL A 4 2.45 2.20 -8.80
CA VAL A 4 1.32 1.91 -7.94
C VAL A 4 0.62 0.63 -8.36
N GLU A 5 0.67 0.32 -9.66
CA GLU A 5 0.05 -0.89 -10.18
C GLU A 5 0.77 -2.13 -9.65
N ASP A 6 2.09 -2.08 -9.66
CA ASP A 6 2.90 -3.20 -9.17
C ASP A 6 2.73 -3.35 -7.67
N ILE A 7 2.80 -2.22 -6.97
CA ILE A 7 2.64 -2.21 -5.52
C ILE A 7 1.24 -2.66 -5.14
N LYS A 8 0.25 -2.21 -5.89
CA LYS A 8 -1.14 -2.58 -5.64
C LYS A 8 -1.31 -4.08 -5.78
N ALA A 9 -0.77 -4.63 -6.87
CA ALA A 9 -0.86 -6.06 -7.12
C ALA A 9 -0.18 -6.84 -6.00
N LYS A 10 0.97 -6.33 -5.55
CA LYS A 10 1.72 -6.96 -4.48
C LYS A 10 0.90 -6.97 -3.19
N MET A 11 0.30 -5.83 -2.86
CA MET A 11 -0.51 -5.72 -1.66
C MET A 11 -1.67 -6.71 -1.72
N GLN A 12 -2.27 -6.83 -2.89
CA GLN A 12 -3.38 -7.75 -3.09
C GLN A 12 -2.91 -9.18 -2.83
N ALA A 13 -1.73 -9.52 -3.35
CA ALA A 13 -1.17 -10.84 -3.15
C ALA A 13 -1.01 -11.12 -1.67
N SER A 14 -0.52 -10.14 -0.93
CA SER A 14 -0.33 -10.27 0.50
C SER A 14 -1.68 -10.45 1.19
N ILE A 15 -2.69 -9.76 0.66
CA ILE A 15 -4.04 -9.85 1.20
C ILE A 15 -4.59 -11.26 1.07
N GLU A 16 -4.35 -11.86 -0.10
CA GLU A 16 -4.82 -13.22 -0.36
C GLU A 16 -4.02 -14.24 0.47
N LYS A 17 -2.74 -13.96 0.65
CA LYS A 17 -1.87 -14.84 1.43
C LYS A 17 -1.72 -14.35 2.86
N GLY A 18 -2.57 -13.42 3.27
CA GLY A 18 -2.51 -12.90 4.62
C GLY A 18 -3.87 -12.63 5.21
N GLY A 19 -4.54 -11.58 4.74
CA GLY A 19 -5.86 -11.25 5.24
C GLY A 19 -6.30 -9.86 4.80
N SER A 20 -5.70 -8.83 5.37
CA SER A 20 -6.05 -7.46 5.04
C SER A 20 -4.88 -6.51 5.33
N LEU A 21 -4.92 -5.33 4.73
CA LEU A 21 -3.87 -4.34 4.93
C LEU A 21 -4.17 -3.45 6.12
N PRO A 22 -3.14 -2.80 6.69
CA PRO A 22 -3.30 -1.91 7.84
C PRO A 22 -4.40 -0.88 7.63
N LYS A 23 -5.38 -0.86 8.51
CA LYS A 23 -6.49 0.08 8.41
C LYS A 23 -6.09 1.47 8.91
N VAL A 24 -4.90 1.57 9.50
CA VAL A 24 -4.41 2.84 10.01
C VAL A 24 -3.54 3.54 8.98
N GLU A 25 -4.00 4.67 8.46
CA GLU A 25 -3.27 5.44 7.46
C GLU A 25 -1.78 5.53 7.79
N ALA A 26 -1.47 5.84 9.04
CA ALA A 26 -0.07 5.94 9.46
C ALA A 26 0.64 4.59 9.36
N LYS A 27 -0.08 3.53 9.69
CA LYS A 27 0.49 2.19 9.60
C LYS A 27 0.67 1.81 8.14
N PHE A 28 -0.26 2.28 7.31
CA PHE A 28 -0.21 2.02 5.88
C PHE A 28 0.95 2.78 5.25
N ILE A 29 1.15 4.02 5.69
CA ILE A 29 2.24 4.83 5.17
C ILE A 29 3.58 4.21 5.52
N ASN A 30 3.69 3.74 6.77
CA ASN A 30 4.92 3.09 7.23
C ASN A 30 5.08 1.74 6.55
N TYR A 31 3.94 1.06 6.35
CA TYR A 31 3.91 -0.25 5.72
C TYR A 31 4.36 -0.18 4.27
N VAL A 32 3.75 0.73 3.50
CA VAL A 32 4.10 0.89 2.10
C VAL A 32 5.52 1.41 1.93
N LYS A 33 5.88 2.42 2.72
CA LYS A 33 7.20 3.01 2.65
C LYS A 33 8.30 1.97 2.93
N ASN A 34 8.00 1.03 3.82
CA ASN A 34 8.97 0.00 4.17
C ASN A 34 9.05 -1.09 3.11
N CYS A 35 7.90 -1.55 2.62
CA CYS A 35 7.85 -2.61 1.63
C CYS A 35 8.10 -2.11 0.20
N PHE A 36 7.49 -0.98 -0.15
CA PHE A 36 7.62 -0.45 -1.52
C PHE A 36 8.42 0.86 -1.58
N ARG A 37 8.78 1.41 -0.42
CA ARG A 37 9.54 2.66 -0.39
C ARG A 37 8.77 3.79 -1.03
N MET A 38 7.44 3.73 -0.96
CA MET A 38 6.60 4.78 -1.53
C MET A 38 6.65 6.04 -0.68
N THR A 39 7.76 6.78 -0.78
CA THR A 39 7.95 8.00 -0.01
C THR A 39 7.30 9.21 -0.68
N ASP A 40 6.62 8.98 -1.79
CA ASP A 40 5.95 10.07 -2.51
C ASP A 40 4.57 10.31 -1.93
N GLN A 41 4.32 11.55 -1.49
CA GLN A 41 3.04 11.91 -0.91
C GLN A 41 1.89 11.58 -1.85
N GLU A 42 2.14 11.71 -3.16
CA GLU A 42 1.12 11.40 -4.16
C GLU A 42 0.84 9.91 -4.20
N ALA A 43 1.90 9.12 -4.23
CA ALA A 43 1.77 7.67 -4.26
C ALA A 43 1.16 7.14 -2.97
N ILE A 44 1.60 7.71 -1.85
CA ILE A 44 1.09 7.30 -0.54
C ILE A 44 -0.38 7.65 -0.41
N GLN A 45 -0.76 8.83 -0.88
CA GLN A 45 -2.15 9.27 -0.82
C GLN A 45 -3.04 8.38 -1.68
N ASP A 46 -2.56 8.08 -2.89
CA ASP A 46 -3.31 7.23 -3.81
C ASP A 46 -3.34 5.79 -3.30
N LEU A 47 -2.20 5.33 -2.78
CA LEU A 47 -2.09 3.98 -2.25
C LEU A 47 -2.99 3.83 -1.03
N TRP A 48 -3.05 4.89 -0.22
CA TRP A 48 -3.88 4.87 0.96
C TRP A 48 -5.34 4.90 0.56
N GLN A 49 -5.65 5.71 -0.44
CA GLN A 49 -7.02 5.81 -0.95
C GLN A 49 -7.46 4.45 -1.45
N TRP A 50 -6.52 3.71 -2.05
CA TRP A 50 -6.81 2.38 -2.56
C TRP A 50 -7.09 1.43 -1.40
N ARG A 51 -6.28 1.53 -0.35
CA ARG A 51 -6.47 0.67 0.83
C ARG A 51 -7.81 0.97 1.50
N LYS A 52 -8.18 2.24 1.51
CA LYS A 52 -9.44 2.68 2.12
C LYS A 52 -10.63 2.21 1.30
N SER A 53 -10.43 2.10 0.00
CA SER A 53 -11.48 1.64 -0.90
C SER A 53 -11.35 0.13 -1.15
N LEU A 54 -10.22 -0.44 -0.74
CA LEU A 54 -9.99 -1.87 -0.92
C LEU A 54 -10.98 -2.69 -0.11
N GLY A 1 10.79 -0.03 -4.57
CA GLY A 1 10.49 0.99 -5.60
C GLY A 1 9.69 0.43 -6.75
N GLY A 2 8.99 1.31 -7.47
CA GLY A 2 8.19 0.87 -8.60
C GLY A 2 6.94 1.72 -8.78
N SER A 3 5.88 1.08 -9.27
CA SER A 3 4.61 1.79 -9.49
C SER A 3 3.55 1.32 -8.50
N VAL A 4 2.47 2.08 -8.40
CA VAL A 4 1.37 1.74 -7.49
C VAL A 4 0.67 0.46 -7.95
N GLU A 5 0.68 0.23 -9.26
CA GLU A 5 0.03 -0.95 -9.83
C GLU A 5 0.71 -2.22 -9.34
N ASP A 6 2.05 -2.20 -9.33
CA ASP A 6 2.82 -3.35 -8.88
C ASP A 6 2.68 -3.53 -7.38
N ILE A 7 2.67 -2.41 -6.65
CA ILE A 7 2.53 -2.44 -5.21
C ILE A 7 1.15 -2.94 -4.81
N LYS A 8 0.13 -2.47 -5.51
CA LYS A 8 -1.24 -2.87 -5.24
C LYS A 8 -1.44 -4.35 -5.55
N ALA A 9 -0.89 -4.79 -6.69
CA ALA A 9 -1.00 -6.18 -7.10
C ALA A 9 -0.30 -7.10 -6.10
N LYS A 10 0.88 -6.70 -5.64
CA LYS A 10 1.64 -7.49 -4.69
C LYS A 10 0.90 -7.60 -3.36
N MET A 11 0.41 -6.47 -2.86
CA MET A 11 -0.33 -6.44 -1.61
C MET A 11 -1.61 -7.26 -1.73
N GLN A 12 -2.28 -7.13 -2.87
CA GLN A 12 -3.50 -7.87 -3.13
C GLN A 12 -3.22 -9.37 -3.10
N ALA A 13 -2.08 -9.75 -3.67
CA ALA A 13 -1.67 -11.15 -3.71
C ALA A 13 -1.47 -11.67 -2.29
N SER A 14 -0.76 -10.89 -1.48
CA SER A 14 -0.50 -11.27 -0.09
C SER A 14 -1.82 -11.38 0.67
N ILE A 15 -2.70 -10.41 0.46
CA ILE A 15 -4.00 -10.39 1.12
C ILE A 15 -4.83 -11.59 0.68
N GLU A 16 -4.81 -11.86 -0.62
CA GLU A 16 -5.56 -12.99 -1.18
C GLU A 16 -4.97 -14.32 -0.73
N LYS A 17 -3.67 -14.33 -0.44
CA LYS A 17 -3.00 -15.53 0.01
C LYS A 17 -3.00 -15.65 1.54
N GLY A 18 -3.84 -14.84 2.19
CA GLY A 18 -3.92 -14.87 3.63
C GLY A 18 -3.09 -13.78 4.28
N GLY A 19 -3.46 -12.53 4.06
CA GLY A 19 -2.74 -11.42 4.64
C GLY A 19 -3.66 -10.38 5.25
N SER A 20 -3.10 -9.23 5.59
CA SER A 20 -3.88 -8.15 6.20
C SER A 20 -3.14 -6.82 6.08
N LEU A 21 -3.86 -5.79 5.67
CA LEU A 21 -3.27 -4.45 5.51
C LEU A 21 -3.75 -3.52 6.62
N PRO A 22 -2.87 -2.63 7.11
CA PRO A 22 -3.21 -1.68 8.17
C PRO A 22 -4.46 -0.87 7.85
N LYS A 23 -5.04 -0.26 8.89
CA LYS A 23 -6.25 0.54 8.72
C LYS A 23 -5.99 2.00 9.09
N VAL A 24 -4.93 2.25 9.85
CA VAL A 24 -4.59 3.61 10.25
C VAL A 24 -3.67 4.24 9.21
N GLU A 25 -4.06 5.43 8.74
CA GLU A 25 -3.29 6.15 7.72
C GLU A 25 -1.79 6.09 7.98
N ALA A 26 -1.39 6.33 9.23
CA ALA A 26 0.03 6.32 9.60
C ALA A 26 0.63 4.92 9.52
N LYS A 27 -0.14 3.91 9.92
CA LYS A 27 0.34 2.53 9.88
C LYS A 27 0.41 2.04 8.44
N PHE A 28 -0.54 2.49 7.63
CA PHE A 28 -0.58 2.13 6.23
C PHE A 28 0.57 2.78 5.49
N ILE A 29 0.74 4.08 5.72
CA ILE A 29 1.81 4.83 5.09
C ILE A 29 3.17 4.26 5.50
N ASN A 30 3.29 3.85 6.75
CA ASN A 30 4.53 3.30 7.26
C ASN A 30 4.81 1.93 6.62
N TYR A 31 3.77 1.12 6.47
CA TYR A 31 3.93 -0.22 5.89
C TYR A 31 4.28 -0.13 4.40
N VAL A 32 3.49 0.62 3.65
CA VAL A 32 3.72 0.77 2.20
C VAL A 32 5.03 1.50 1.92
N LYS A 33 5.25 2.59 2.64
CA LYS A 33 6.45 3.40 2.46
C LYS A 33 7.71 2.61 2.77
N ASN A 34 7.69 1.86 3.86
CA ASN A 34 8.84 1.07 4.27
C ASN A 34 8.99 -0.21 3.44
N CYS A 35 7.86 -0.78 3.04
CA CYS A 35 7.89 -2.02 2.26
C CYS A 35 8.17 -1.78 0.78
N PHE A 36 7.55 -0.74 0.21
CA PHE A 36 7.74 -0.43 -1.20
C PHE A 36 8.49 0.88 -1.41
N ARG A 37 9.09 1.41 -0.35
CA ARG A 37 9.84 2.67 -0.45
C ARG A 37 8.97 3.79 -1.01
N MET A 38 7.65 3.64 -0.88
CA MET A 38 6.72 4.65 -1.37
C MET A 38 6.79 5.91 -0.51
N THR A 39 7.77 6.77 -0.81
CA THR A 39 7.96 8.01 -0.06
C THR A 39 7.38 9.20 -0.82
N ASP A 40 6.74 8.95 -1.95
CA ASP A 40 6.14 10.02 -2.74
C ASP A 40 4.73 10.34 -2.25
N GLN A 41 4.49 11.62 -1.95
CA GLN A 41 3.19 12.05 -1.46
C GLN A 41 2.08 11.61 -2.40
N GLU A 42 2.37 11.57 -3.69
CA GLU A 42 1.38 11.16 -4.68
C GLU A 42 1.07 9.68 -4.55
N ALA A 43 2.12 8.87 -4.42
CA ALA A 43 1.96 7.43 -4.28
C ALA A 43 1.31 7.09 -2.95
N ILE A 44 1.71 7.80 -1.90
CA ILE A 44 1.16 7.59 -0.57
C ILE A 44 -0.33 7.94 -0.53
N GLN A 45 -0.67 9.03 -1.20
CA GLN A 45 -2.06 9.48 -1.26
C GLN A 45 -2.92 8.50 -2.04
N ASP A 46 -2.39 8.05 -3.18
CA ASP A 46 -3.10 7.10 -4.03
C ASP A 46 -3.20 5.75 -3.33
N LEU A 47 -2.11 5.33 -2.70
CA LEU A 47 -2.10 4.05 -2.00
C LEU A 47 -3.08 4.09 -0.83
N TRP A 48 -3.16 5.23 -0.17
CA TRP A 48 -4.08 5.39 0.95
C TRP A 48 -5.51 5.40 0.43
N GLN A 49 -5.72 6.07 -0.69
CA GLN A 49 -7.04 6.13 -1.31
C GLN A 49 -7.49 4.71 -1.65
N TRP A 50 -6.53 3.90 -2.09
CA TRP A 50 -6.80 2.51 -2.42
C TRP A 50 -7.17 1.73 -1.17
N ARG A 51 -6.45 2.01 -0.08
CA ARG A 51 -6.71 1.34 1.20
C ARG A 51 -8.12 1.62 1.67
N LYS A 52 -8.56 2.86 1.50
CA LYS A 52 -9.89 3.28 1.92
C LYS A 52 -10.94 2.64 1.03
N SER A 53 -10.57 2.40 -0.22
CA SER A 53 -11.48 1.78 -1.17
C SER A 53 -11.30 0.26 -1.16
N LEU A 54 -10.24 -0.20 -0.48
CA LEU A 54 -9.96 -1.62 -0.40
C LEU A 54 -11.11 -2.37 0.27
N GLY A 1 12.08 3.03 -9.72
CA GLY A 1 11.86 1.57 -9.52
C GLY A 1 10.64 1.06 -10.25
N GLY A 2 9.58 0.75 -9.51
CA GLY A 2 8.36 0.26 -10.11
C GLY A 2 7.24 1.28 -10.10
N SER A 3 6.01 0.81 -9.99
CA SER A 3 4.85 1.70 -9.97
C SER A 3 3.84 1.23 -8.94
N VAL A 4 2.76 2.00 -8.77
CA VAL A 4 1.71 1.67 -7.83
C VAL A 4 0.97 0.41 -8.24
N GLU A 5 0.96 0.14 -9.54
CA GLU A 5 0.27 -1.04 -10.07
C GLU A 5 0.93 -2.32 -9.55
N ASP A 6 2.25 -2.33 -9.54
CA ASP A 6 3.01 -3.48 -9.06
C ASP A 6 2.88 -3.60 -7.54
N ILE A 7 2.85 -2.45 -6.88
CA ILE A 7 2.71 -2.41 -5.42
C ILE A 7 1.32 -2.89 -5.01
N LYS A 8 0.31 -2.46 -5.75
CA LYS A 8 -1.06 -2.84 -5.46
C LYS A 8 -1.25 -4.33 -5.71
N ALA A 9 -0.72 -4.82 -6.82
CA ALA A 9 -0.84 -6.23 -7.17
C ALA A 9 -0.14 -7.11 -6.14
N LYS A 10 1.06 -6.70 -5.72
CA LYS A 10 1.82 -7.46 -4.74
C LYS A 10 1.08 -7.49 -3.41
N MET A 11 0.62 -6.32 -2.96
CA MET A 11 -0.11 -6.23 -1.70
C MET A 11 -1.39 -7.06 -1.78
N GLN A 12 -2.07 -6.99 -2.91
CA GLN A 12 -3.30 -7.75 -3.10
C GLN A 12 -3.01 -9.23 -2.95
N ALA A 13 -1.92 -9.69 -3.56
CA ALA A 13 -1.52 -11.09 -3.45
C ALA A 13 -1.30 -11.45 -1.99
N SER A 14 -0.64 -10.55 -1.26
CA SER A 14 -0.39 -10.75 0.16
C SER A 14 -1.71 -10.79 0.92
N ILE A 15 -2.67 -9.98 0.48
CA ILE A 15 -3.98 -9.94 1.11
C ILE A 15 -4.69 -11.27 0.97
N GLU A 16 -4.61 -11.85 -0.22
CA GLU A 16 -5.24 -13.14 -0.49
C GLU A 16 -4.53 -14.26 0.26
N LYS A 17 -3.21 -14.15 0.37
CA LYS A 17 -2.41 -15.15 1.06
C LYS A 17 -2.14 -14.75 2.51
N GLY A 18 -2.87 -13.75 2.99
CA GLY A 18 -2.69 -13.29 4.35
C GLY A 18 -4.00 -12.88 5.02
N GLY A 19 -4.55 -11.76 4.57
CA GLY A 19 -5.80 -11.28 5.13
C GLY A 19 -6.16 -9.89 4.66
N SER A 20 -5.32 -8.91 5.01
CA SER A 20 -5.56 -7.53 4.63
C SER A 20 -4.42 -6.62 5.09
N LEU A 21 -4.42 -5.39 4.60
CA LEU A 21 -3.38 -4.43 4.97
C LEU A 21 -3.82 -3.61 6.18
N PRO A 22 -2.91 -2.79 6.74
CA PRO A 22 -3.23 -1.97 7.92
C PRO A 22 -4.50 -1.16 7.73
N LYS A 23 -4.99 -0.57 8.81
CA LYS A 23 -6.21 0.23 8.77
C LYS A 23 -5.95 1.68 9.16
N VAL A 24 -4.81 1.93 9.79
CA VAL A 24 -4.45 3.27 10.22
C VAL A 24 -3.52 3.92 9.19
N GLU A 25 -3.88 5.12 8.75
CA GLU A 25 -3.08 5.84 7.76
C GLU A 25 -1.59 5.77 8.06
N ALA A 26 -1.22 6.01 9.33
CA ALA A 26 0.19 5.98 9.71
C ALA A 26 0.80 4.58 9.57
N LYS A 27 0.01 3.57 9.89
CA LYS A 27 0.49 2.19 9.79
C LYS A 27 0.55 1.77 8.33
N PHE A 28 -0.40 2.26 7.54
CA PHE A 28 -0.42 1.96 6.12
C PHE A 28 0.74 2.64 5.42
N ILE A 29 0.91 3.93 5.70
CA ILE A 29 1.98 4.70 5.12
C ILE A 29 3.34 4.10 5.49
N ASN A 30 3.46 3.67 6.75
CA ASN A 30 4.70 3.08 7.22
C ASN A 30 4.96 1.73 6.55
N TYR A 31 3.91 0.94 6.37
CA TYR A 31 4.03 -0.37 5.73
C TYR A 31 4.37 -0.25 4.25
N VAL A 32 3.60 0.55 3.53
CA VAL A 32 3.82 0.75 2.09
C VAL A 32 5.15 1.46 1.83
N LYS A 33 5.39 2.52 2.59
CA LYS A 33 6.61 3.31 2.43
C LYS A 33 7.86 2.49 2.74
N ASN A 34 7.77 1.61 3.73
CA ASN A 34 8.92 0.79 4.12
C ASN A 34 9.11 -0.38 3.17
N CYS A 35 8.02 -0.99 2.73
CA CYS A 35 8.09 -2.15 1.84
C CYS A 35 8.33 -1.75 0.38
N PHE A 36 7.66 -0.71 -0.09
CA PHE A 36 7.79 -0.28 -1.48
C PHE A 36 8.48 1.08 -1.61
N ARG A 37 9.09 1.55 -0.53
CA ARG A 37 9.79 2.84 -0.56
C ARG A 37 8.88 3.95 -1.06
N MET A 38 7.56 3.76 -0.94
CA MET A 38 6.59 4.76 -1.37
C MET A 38 6.66 6.00 -0.48
N THR A 39 7.66 6.85 -0.73
CA THR A 39 7.84 8.06 0.05
C THR A 39 7.23 9.28 -0.65
N ASP A 40 6.59 9.05 -1.79
CA ASP A 40 5.97 10.15 -2.54
C ASP A 40 4.56 10.41 -2.02
N GLN A 41 4.29 11.65 -1.65
CA GLN A 41 2.98 12.03 -1.12
C GLN A 41 1.86 11.63 -2.08
N GLU A 42 2.14 11.68 -3.38
CA GLU A 42 1.15 11.32 -4.40
C GLU A 42 0.87 9.82 -4.36
N ALA A 43 1.93 9.03 -4.30
CA ALA A 43 1.80 7.57 -4.26
C ALA A 43 1.22 7.13 -2.93
N ILE A 44 1.60 7.82 -1.86
CA ILE A 44 1.11 7.50 -0.52
C ILE A 44 -0.36 7.84 -0.41
N GLN A 45 -0.76 8.97 -0.99
CA GLN A 45 -2.16 9.39 -0.97
C GLN A 45 -3.02 8.43 -1.78
N ASP A 46 -2.53 8.08 -2.97
CA ASP A 46 -3.24 7.17 -3.84
C ASP A 46 -3.32 5.77 -3.21
N LEU A 47 -2.21 5.34 -2.62
CA LEU A 47 -2.16 4.02 -1.98
C LEU A 47 -3.10 3.98 -0.79
N TRP A 48 -3.19 5.10 -0.07
CA TRP A 48 -4.08 5.18 1.08
C TRP A 48 -5.52 5.19 0.61
N GLN A 49 -5.77 5.91 -0.48
CA GLN A 49 -7.11 5.97 -1.05
C GLN A 49 -7.55 4.59 -1.47
N TRP A 50 -6.60 3.81 -1.97
CA TRP A 50 -6.86 2.44 -2.39
C TRP A 50 -7.20 1.58 -1.17
N ARG A 51 -6.45 1.78 -0.09
CA ARG A 51 -6.68 1.03 1.14
C ARG A 51 -8.07 1.32 1.68
N LYS A 52 -8.50 2.58 1.58
CA LYS A 52 -9.81 3.00 2.05
C LYS A 52 -10.91 2.42 1.18
N SER A 53 -10.59 2.23 -0.10
CA SER A 53 -11.55 1.66 -1.04
C SER A 53 -11.38 0.15 -1.12
N LEU A 54 -10.30 -0.36 -0.54
CA LEU A 54 -10.03 -1.79 -0.55
C LEU A 54 -10.88 -2.51 0.49
N GLY A 1 12.51 -2.01 -8.48
CA GLY A 1 11.04 -2.03 -8.27
C GLY A 1 10.37 -0.73 -8.69
N GLY A 2 9.37 -0.31 -7.92
CA GLY A 2 8.67 0.93 -8.24
C GLY A 2 7.28 0.68 -8.80
N SER A 3 6.74 1.69 -9.48
CA SER A 3 5.40 1.56 -10.07
C SER A 3 4.34 1.37 -8.99
N VAL A 4 3.32 2.21 -9.01
CA VAL A 4 2.24 2.14 -8.04
C VAL A 4 1.43 0.86 -8.23
N GLU A 5 1.25 0.48 -9.49
CA GLU A 5 0.51 -0.72 -9.83
C GLU A 5 1.13 -1.96 -9.20
N ASP A 6 2.46 -2.01 -9.22
CA ASP A 6 3.19 -3.14 -8.65
C ASP A 6 2.90 -3.27 -7.15
N ILE A 7 2.93 -2.14 -6.46
CA ILE A 7 2.66 -2.12 -5.03
C ILE A 7 1.23 -2.56 -4.73
N LYS A 8 0.29 -2.05 -5.53
CA LYS A 8 -1.12 -2.40 -5.35
C LYS A 8 -1.33 -3.90 -5.58
N ALA A 9 -0.73 -4.42 -6.64
CA ALA A 9 -0.84 -5.84 -6.96
C ALA A 9 -0.23 -6.69 -5.87
N LYS A 10 0.88 -6.21 -5.31
CA LYS A 10 1.56 -6.94 -4.24
C LYS A 10 0.68 -7.04 -3.00
N MET A 11 0.09 -5.91 -2.61
CA MET A 11 -0.78 -5.87 -1.45
C MET A 11 -1.99 -6.77 -1.67
N GLN A 12 -2.53 -6.72 -2.89
CA GLN A 12 -3.69 -7.54 -3.23
C GLN A 12 -3.32 -9.01 -3.22
N ALA A 13 -2.11 -9.32 -3.65
CA ALA A 13 -1.63 -10.69 -3.68
C ALA A 13 -1.52 -11.26 -2.27
N SER A 14 -0.90 -10.49 -1.38
CA SER A 14 -0.74 -10.91 0.01
C SER A 14 -2.10 -11.06 0.68
N ILE A 15 -3.00 -10.13 0.39
CA ILE A 15 -4.34 -10.15 0.94
C ILE A 15 -5.13 -11.33 0.39
N GLU A 16 -5.01 -11.56 -0.92
CA GLU A 16 -5.70 -12.66 -1.57
C GLU A 16 -5.16 -14.00 -1.11
N LYS A 17 -3.89 -14.03 -0.76
CA LYS A 17 -3.25 -15.26 -0.29
C LYS A 17 -3.32 -15.38 1.23
N GLY A 18 -4.16 -14.55 1.86
CA GLY A 18 -4.30 -14.59 3.30
C GLY A 18 -3.48 -13.51 3.99
N GLY A 19 -3.92 -12.27 3.85
CA GLY A 19 -3.21 -11.16 4.47
C GLY A 19 -4.13 -10.02 4.84
N SER A 20 -3.59 -9.02 5.53
CA SER A 20 -4.37 -7.86 5.95
C SER A 20 -3.49 -6.62 6.06
N LEU A 21 -3.97 -5.51 5.51
CA LEU A 21 -3.22 -4.26 5.55
C LEU A 21 -3.64 -3.41 6.75
N PRO A 22 -2.82 -2.40 7.12
CA PRO A 22 -3.12 -1.52 8.25
C PRO A 22 -4.45 -0.80 8.09
N LYS A 23 -4.83 -0.04 9.10
CA LYS A 23 -6.09 0.71 9.07
C LYS A 23 -5.88 2.19 9.37
N VAL A 24 -4.71 2.55 9.89
CA VAL A 24 -4.41 3.94 10.21
C VAL A 24 -3.45 4.51 9.17
N GLU A 25 -3.88 5.60 8.53
CA GLU A 25 -3.09 6.27 7.50
C GLU A 25 -1.59 6.30 7.83
N ALA A 26 -1.27 6.64 9.07
CA ALA A 26 0.13 6.71 9.50
C ALA A 26 0.77 5.32 9.48
N LYS A 27 0.00 4.32 9.89
CA LYS A 27 0.50 2.94 9.91
C LYS A 27 0.63 2.43 8.48
N PHE A 28 -0.29 2.87 7.63
CA PHE A 28 -0.27 2.47 6.22
C PHE A 28 0.93 3.12 5.53
N ILE A 29 1.13 4.41 5.80
CA ILE A 29 2.24 5.14 5.20
C ILE A 29 3.56 4.51 5.63
N ASN A 30 3.66 4.17 6.90
CA ASN A 30 4.87 3.54 7.44
C ASN A 30 5.02 2.13 6.86
N TYR A 31 3.90 1.43 6.76
CA TYR A 31 3.87 0.07 6.23
C TYR A 31 4.35 0.03 4.79
N VAL A 32 3.77 0.88 3.94
CA VAL A 32 4.13 0.94 2.53
C VAL A 32 5.55 1.44 2.34
N LYS A 33 5.92 2.46 3.11
CA LYS A 33 7.26 3.05 3.01
C LYS A 33 8.36 2.02 3.21
N ASN A 34 8.16 1.09 4.14
CA ASN A 34 9.16 0.07 4.43
C ASN A 34 9.14 -1.05 3.39
N CYS A 35 7.95 -1.49 3.00
CA CYS A 35 7.80 -2.58 2.04
C CYS A 35 7.98 -2.14 0.59
N PHE A 36 7.40 -1.00 0.22
CA PHE A 36 7.48 -0.51 -1.17
C PHE A 36 8.31 0.77 -1.30
N ARG A 37 8.75 1.33 -0.18
CA ARG A 37 9.55 2.55 -0.21
C ARG A 37 8.83 3.66 -0.98
N MET A 38 7.51 3.59 -1.04
CA MET A 38 6.72 4.59 -1.74
C MET A 38 6.66 5.88 -0.93
N THR A 39 7.69 6.73 -1.07
CA THR A 39 7.76 7.98 -0.35
C THR A 39 7.10 9.12 -1.12
N ASP A 40 6.38 8.78 -2.19
CA ASP A 40 5.69 9.79 -3.00
C ASP A 40 4.32 10.09 -2.41
N GLN A 41 4.06 11.35 -2.12
CA GLN A 41 2.77 11.75 -1.54
C GLN A 41 1.62 11.33 -2.44
N GLU A 42 1.84 11.36 -3.75
CA GLU A 42 0.81 10.98 -4.71
C GLU A 42 0.54 9.48 -4.63
N ALA A 43 1.62 8.69 -4.61
CA ALA A 43 1.52 7.25 -4.53
C ALA A 43 0.97 6.82 -3.18
N ILE A 44 1.36 7.53 -2.13
CA ILE A 44 0.90 7.23 -0.79
C ILE A 44 -0.59 7.53 -0.67
N GLN A 45 -1.01 8.66 -1.20
CA GLN A 45 -2.41 9.05 -1.17
C GLN A 45 -3.25 8.04 -1.94
N ASP A 46 -2.75 7.65 -3.11
CA ASP A 46 -3.45 6.68 -3.94
C ASP A 46 -3.45 5.31 -3.27
N LEU A 47 -2.31 4.94 -2.68
CA LEU A 47 -2.18 3.66 -2.00
C LEU A 47 -3.08 3.61 -0.77
N TRP A 48 -3.19 4.75 -0.09
CA TRP A 48 -4.04 4.83 1.08
C TRP A 48 -5.50 4.77 0.67
N GLN A 49 -5.83 5.48 -0.41
CA GLN A 49 -7.18 5.49 -0.93
C GLN A 49 -7.55 4.09 -1.39
N TRP A 50 -6.55 3.35 -1.87
CA TRP A 50 -6.76 1.98 -2.32
C TRP A 50 -7.09 1.08 -1.13
N ARG A 51 -6.35 1.24 -0.04
CA ARG A 51 -6.57 0.44 1.16
C ARG A 51 -7.95 0.75 1.74
N LYS A 52 -8.33 2.02 1.72
CA LYS A 52 -9.62 2.44 2.24
C LYS A 52 -10.76 1.96 1.34
N SER A 53 -10.45 1.84 0.06
CA SER A 53 -11.42 1.37 -0.92
C SER A 53 -11.34 -0.14 -1.06
N LEU A 54 -10.27 -0.72 -0.52
CA LEU A 54 -10.07 -2.17 -0.59
C LEU A 54 -11.11 -2.91 0.26
N GLY A 1 11.79 2.48 -10.78
CA GLY A 1 11.58 2.10 -9.35
C GLY A 1 10.38 1.21 -9.16
N GLY A 2 9.48 1.63 -8.28
CA GLY A 2 8.27 0.86 -8.01
C GLY A 2 7.00 1.62 -8.39
N SER A 3 6.09 0.92 -9.07
CA SER A 3 4.84 1.52 -9.48
C SER A 3 3.71 1.15 -8.53
N VAL A 4 2.68 2.00 -8.47
CA VAL A 4 1.54 1.76 -7.59
C VAL A 4 0.77 0.52 -8.04
N GLU A 5 0.70 0.30 -9.35
CA GLU A 5 0.00 -0.85 -9.88
C GLU A 5 0.63 -2.15 -9.39
N ASP A 6 1.95 -2.19 -9.40
CA ASP A 6 2.68 -3.38 -8.94
C ASP A 6 2.55 -3.54 -7.43
N ILE A 7 2.71 -2.43 -6.71
CA ILE A 7 2.59 -2.43 -5.26
C ILE A 7 1.19 -2.88 -4.84
N LYS A 8 0.18 -2.37 -5.55
CA LYS A 8 -1.20 -2.72 -5.25
C LYS A 8 -1.45 -4.19 -5.53
N ALA A 9 -0.97 -4.66 -6.68
CA ALA A 9 -1.15 -6.06 -7.07
C ALA A 9 -0.43 -6.99 -6.09
N LYS A 10 0.78 -6.61 -5.71
CA LYS A 10 1.58 -7.42 -4.78
C LYS A 10 0.89 -7.50 -3.43
N MET A 11 0.45 -6.35 -2.91
CA MET A 11 -0.24 -6.31 -1.63
C MET A 11 -1.50 -7.14 -1.68
N GLN A 12 -2.24 -7.03 -2.80
CA GLN A 12 -3.46 -7.79 -2.98
C GLN A 12 -3.15 -9.28 -2.94
N ALA A 13 -2.04 -9.67 -3.56
CA ALA A 13 -1.60 -11.05 -3.57
C ALA A 13 -1.39 -11.54 -2.14
N SER A 14 -0.69 -10.72 -1.36
CA SER A 14 -0.44 -11.06 0.04
C SER A 14 -1.76 -11.18 0.80
N ILE A 15 -2.73 -10.35 0.43
CA ILE A 15 -4.04 -10.36 1.05
C ILE A 15 -4.75 -11.68 0.75
N GLU A 16 -4.64 -12.12 -0.50
CA GLU A 16 -5.25 -13.36 -0.93
C GLU A 16 -4.53 -14.56 -0.33
N LYS A 17 -3.24 -14.39 -0.05
CA LYS A 17 -2.43 -15.46 0.53
C LYS A 17 -2.45 -15.40 2.06
N GLY A 18 -3.38 -14.62 2.62
CA GLY A 18 -3.48 -14.51 4.06
C GLY A 18 -2.95 -13.19 4.57
N GLY A 19 -3.53 -12.08 4.08
CA GLY A 19 -3.10 -10.77 4.51
C GLY A 19 -4.23 -9.95 5.11
N SER A 20 -4.08 -8.63 5.09
CA SER A 20 -5.10 -7.75 5.65
C SER A 20 -4.69 -6.28 5.52
N LEU A 21 -3.40 -6.02 5.66
CA LEU A 21 -2.87 -4.66 5.57
C LEU A 21 -3.40 -3.80 6.71
N PRO A 22 -2.63 -2.78 7.12
CA PRO A 22 -3.03 -1.88 8.22
C PRO A 22 -4.33 -1.14 7.90
N LYS A 23 -4.84 -0.42 8.89
CA LYS A 23 -6.08 0.34 8.73
C LYS A 23 -5.90 1.82 9.09
N VAL A 24 -4.80 2.13 9.75
CA VAL A 24 -4.52 3.51 10.14
C VAL A 24 -3.58 4.16 9.13
N GLU A 25 -4.00 5.31 8.61
CA GLU A 25 -3.22 6.05 7.61
C GLU A 25 -1.72 6.00 7.91
N ALA A 26 -1.35 6.22 9.16
CA ALA A 26 0.06 6.21 9.56
C ALA A 26 0.66 4.81 9.47
N LYS A 27 -0.12 3.80 9.85
CA LYS A 27 0.35 2.42 9.81
C LYS A 27 0.45 1.93 8.37
N PHE A 28 -0.49 2.39 7.54
CA PHE A 28 -0.52 2.02 6.14
C PHE A 28 0.66 2.67 5.43
N ILE A 29 0.84 3.96 5.67
CA ILE A 29 1.93 4.71 5.05
C ILE A 29 3.27 4.10 5.46
N ASN A 30 3.40 3.74 6.73
CA ASN A 30 4.63 3.14 7.22
C ASN A 30 4.88 1.79 6.57
N TYR A 31 3.81 1.00 6.41
CA TYR A 31 3.92 -0.33 5.79
C TYR A 31 4.26 -0.22 4.30
N VAL A 32 3.49 0.57 3.56
CA VAL A 32 3.72 0.75 2.13
C VAL A 32 5.05 1.45 1.86
N LYS A 33 5.29 2.52 2.61
CA LYS A 33 6.52 3.30 2.43
C LYS A 33 7.75 2.50 2.82
N ASN A 34 7.62 1.67 3.85
CA ASN A 34 8.75 0.87 4.31
C ASN A 34 8.97 -0.36 3.43
N CYS A 35 7.88 -0.97 2.97
CA CYS A 35 7.96 -2.18 2.14
C CYS A 35 8.26 -1.85 0.67
N PHE A 36 7.61 -0.82 0.14
CA PHE A 36 7.80 -0.46 -1.26
C PHE A 36 8.53 0.88 -1.43
N ARG A 37 9.12 1.38 -0.35
CA ARG A 37 9.84 2.66 -0.40
C ARG A 37 8.99 3.76 -1.02
N MET A 38 7.68 3.61 -0.94
CA MET A 38 6.76 4.62 -1.49
C MET A 38 6.74 5.87 -0.62
N THR A 39 7.77 6.70 -0.76
CA THR A 39 7.89 7.93 0.02
C THR A 39 7.30 9.13 -0.73
N ASP A 40 6.63 8.87 -1.85
CA ASP A 40 6.03 9.95 -2.63
C ASP A 40 4.65 10.29 -2.09
N GLN A 41 4.42 11.58 -1.84
CA GLN A 41 3.14 12.03 -1.32
C GLN A 41 2.00 11.62 -2.24
N GLU A 42 2.27 11.61 -3.54
CA GLU A 42 1.26 11.23 -4.53
C GLU A 42 0.95 9.74 -4.41
N ALA A 43 2.01 8.93 -4.33
CA ALA A 43 1.85 7.49 -4.21
C ALA A 43 1.21 7.13 -2.87
N ILE A 44 1.57 7.89 -1.83
CA ILE A 44 1.03 7.66 -0.50
C ILE A 44 -0.45 7.98 -0.46
N GLN A 45 -0.83 9.08 -1.11
CA GLN A 45 -2.22 9.50 -1.17
C GLN A 45 -3.04 8.50 -2.00
N ASP A 46 -2.47 8.06 -3.11
CA ASP A 46 -3.14 7.11 -3.99
C ASP A 46 -3.26 5.74 -3.32
N LEU A 47 -2.15 5.30 -2.71
CA LEU A 47 -2.14 4.01 -2.04
C LEU A 47 -3.09 4.01 -0.85
N TRP A 48 -3.17 5.14 -0.17
CA TRP A 48 -4.06 5.27 0.98
C TRP A 48 -5.50 5.30 0.50
N GLN A 49 -5.75 6.04 -0.57
CA GLN A 49 -7.07 6.14 -1.15
C GLN A 49 -7.52 4.76 -1.61
N TRP A 50 -6.56 3.96 -2.07
CA TRP A 50 -6.83 2.61 -2.52
C TRP A 50 -7.24 1.73 -1.34
N ARG A 51 -6.51 1.86 -0.23
CA ARG A 51 -6.81 1.09 0.97
C ARG A 51 -8.18 1.47 1.54
N LYS A 52 -8.50 2.75 1.42
CA LYS A 52 -9.78 3.27 1.91
C LYS A 52 -10.94 2.76 1.06
N SER A 53 -10.66 2.53 -0.22
CA SER A 53 -11.66 2.04 -1.14
C SER A 53 -11.56 0.52 -1.29
N LEU A 54 -10.46 -0.05 -0.79
CA LEU A 54 -10.24 -1.49 -0.85
C LEU A 54 -11.36 -2.24 -0.14
N GLY A 1 12.53 0.52 -7.37
CA GLY A 1 11.18 -0.11 -7.29
C GLY A 1 10.37 0.07 -8.56
N GLY A 2 9.32 -0.71 -8.71
CA GLY A 2 8.48 -0.62 -9.90
C GLY A 2 7.46 0.48 -9.80
N SER A 3 6.41 0.39 -10.62
CA SER A 3 5.35 1.39 -10.62
C SER A 3 4.40 1.18 -9.45
N VAL A 4 3.44 2.09 -9.29
CA VAL A 4 2.46 2.00 -8.22
C VAL A 4 1.55 0.80 -8.42
N GLU A 5 1.21 0.54 -9.67
CA GLU A 5 0.33 -0.58 -10.00
C GLU A 5 0.92 -1.89 -9.51
N ASP A 6 2.23 -2.04 -9.67
CA ASP A 6 2.91 -3.26 -9.24
C ASP A 6 2.81 -3.42 -7.73
N ILE A 7 2.93 -2.31 -7.01
CA ILE A 7 2.85 -2.32 -5.56
C ILE A 7 1.44 -2.72 -5.10
N LYS A 8 0.44 -2.17 -5.77
CA LYS A 8 -0.95 -2.47 -5.43
C LYS A 8 -1.27 -3.94 -5.68
N ALA A 9 -0.78 -4.47 -6.80
CA ALA A 9 -1.02 -5.86 -7.16
C ALA A 9 -0.33 -6.80 -6.17
N LYS A 10 0.91 -6.47 -5.82
CA LYS A 10 1.68 -7.29 -4.89
C LYS A 10 1.00 -7.32 -3.52
N MET A 11 0.61 -6.14 -3.04
CA MET A 11 -0.06 -6.04 -1.75
C MET A 11 -1.37 -6.81 -1.77
N GLN A 12 -2.10 -6.70 -2.88
CA GLN A 12 -3.36 -7.41 -3.04
C GLN A 12 -3.13 -8.90 -2.91
N ALA A 13 -2.08 -9.39 -3.58
CA ALA A 13 -1.74 -10.80 -3.51
C ALA A 13 -1.48 -11.21 -2.07
N SER A 14 -0.76 -10.35 -1.35
CA SER A 14 -0.45 -10.58 0.05
C SER A 14 -1.74 -10.59 0.87
N ILE A 15 -2.68 -9.73 0.48
CA ILE A 15 -3.97 -9.63 1.17
C ILE A 15 -4.74 -10.94 1.04
N GLU A 16 -4.73 -11.50 -0.16
CA GLU A 16 -5.42 -12.76 -0.43
C GLU A 16 -4.72 -13.92 0.27
N LYS A 17 -3.39 -13.85 0.32
CA LYS A 17 -2.60 -14.90 0.97
C LYS A 17 -2.26 -14.53 2.41
N GLY A 18 -2.94 -13.51 2.94
CA GLY A 18 -2.68 -13.10 4.30
C GLY A 18 -3.94 -12.71 5.04
N GLY A 19 -4.65 -11.71 4.53
CA GLY A 19 -5.89 -11.27 5.16
C GLY A 19 -6.26 -9.86 4.77
N SER A 20 -5.66 -8.88 5.44
CA SER A 20 -5.95 -7.48 5.16
C SER A 20 -4.69 -6.62 5.34
N LEU A 21 -4.85 -5.31 5.18
CA LEU A 21 -3.73 -4.38 5.32
C LEU A 21 -4.01 -3.37 6.45
N PRO A 22 -2.95 -2.71 6.95
CA PRO A 22 -3.09 -1.72 8.03
C PRO A 22 -4.25 -0.76 7.80
N LYS A 23 -5.22 -0.78 8.70
CA LYS A 23 -6.39 0.09 8.58
C LYS A 23 -6.07 1.51 9.05
N VAL A 24 -4.84 1.74 9.49
CA VAL A 24 -4.43 3.07 9.94
C VAL A 24 -3.53 3.73 8.91
N GLU A 25 -3.74 5.02 8.67
CA GLU A 25 -2.94 5.76 7.70
C GLU A 25 -1.46 5.72 8.05
N ALA A 26 -1.15 5.89 9.33
CA ALA A 26 0.25 5.89 9.78
C ALA A 26 0.87 4.51 9.65
N LYS A 27 0.09 3.47 9.95
CA LYS A 27 0.58 2.11 9.86
C LYS A 27 0.67 1.68 8.40
N PHE A 28 -0.26 2.18 7.60
CA PHE A 28 -0.28 1.88 6.18
C PHE A 28 0.90 2.57 5.50
N ILE A 29 1.07 3.85 5.80
CA ILE A 29 2.17 4.62 5.24
C ILE A 29 3.50 4.00 5.63
N ASN A 30 3.60 3.58 6.91
CA ASN A 30 4.82 2.97 7.41
C ASN A 30 5.11 1.64 6.72
N TYR A 31 4.06 0.85 6.49
CA TYR A 31 4.22 -0.45 5.84
C TYR A 31 4.62 -0.30 4.37
N VAL A 32 3.93 0.58 3.65
CA VAL A 32 4.23 0.81 2.24
C VAL A 32 5.60 1.45 2.07
N LYS A 33 5.89 2.45 2.89
CA LYS A 33 7.16 3.17 2.83
C LYS A 33 8.33 2.25 3.15
N ASN A 34 8.10 1.28 4.03
CA ASN A 34 9.17 0.36 4.43
C ASN A 34 9.41 -0.71 3.36
N CYS A 35 8.33 -1.29 2.85
CA CYS A 35 8.43 -2.35 1.85
C CYS A 35 8.68 -1.83 0.43
N PHE A 36 7.99 -0.76 0.04
CA PHE A 36 8.13 -0.21 -1.31
C PHE A 36 8.79 1.16 -1.34
N ARG A 37 9.05 1.74 -0.17
CA ARG A 37 9.67 3.06 -0.11
C ARG A 37 8.81 4.11 -0.80
N MET A 38 7.50 3.92 -0.76
CA MET A 38 6.57 4.86 -1.38
C MET A 38 6.49 6.15 -0.58
N THR A 39 7.52 6.98 -0.72
CA THR A 39 7.59 8.25 0.00
C THR A 39 6.95 9.40 -0.80
N ASP A 40 6.33 9.06 -1.93
CA ASP A 40 5.68 10.06 -2.76
C ASP A 40 4.26 10.35 -2.28
N GLN A 41 3.96 11.61 -2.03
CA GLN A 41 2.64 12.00 -1.56
C GLN A 41 1.55 11.48 -2.48
N GLU A 42 1.85 11.42 -3.77
CA GLU A 42 0.90 10.92 -4.76
C GLU A 42 0.68 9.43 -4.58
N ALA A 43 1.77 8.69 -4.42
CA ALA A 43 1.71 7.25 -4.23
C ALA A 43 1.03 6.90 -2.92
N ILE A 44 1.36 7.65 -1.88
CA ILE A 44 0.78 7.43 -0.56
C ILE A 44 -0.71 7.73 -0.56
N GLN A 45 -1.08 8.84 -1.20
CA GLN A 45 -2.48 9.24 -1.28
C GLN A 45 -3.29 8.20 -2.05
N ASP A 46 -2.72 7.73 -3.16
CA ASP A 46 -3.38 6.73 -3.99
C ASP A 46 -3.41 5.39 -3.27
N LEU A 47 -2.30 5.03 -2.64
CA LEU A 47 -2.20 3.78 -1.91
C LEU A 47 -3.15 3.78 -0.72
N TRP A 48 -3.27 4.95 -0.08
CA TRP A 48 -4.16 5.08 1.07
C TRP A 48 -5.60 4.99 0.61
N GLN A 49 -5.91 5.67 -0.50
CA GLN A 49 -7.24 5.64 -1.06
C GLN A 49 -7.60 4.22 -1.47
N TRP A 50 -6.58 3.48 -1.89
CA TRP A 50 -6.77 2.09 -2.30
C TRP A 50 -7.13 1.22 -1.10
N ARG A 51 -6.42 1.43 0.01
CA ARG A 51 -6.69 0.67 1.23
C ARG A 51 -8.05 1.05 1.82
N LYS A 52 -8.38 2.34 1.74
CA LYS A 52 -9.65 2.84 2.26
C LYS A 52 -10.81 2.35 1.40
N SER A 53 -10.54 2.16 0.12
CA SER A 53 -11.56 1.69 -0.81
C SER A 53 -11.47 0.17 -0.99
N LEU A 54 -10.38 -0.41 -0.48
CA LEU A 54 -10.17 -1.85 -0.59
C LEU A 54 -11.33 -2.62 0.05
#